data_3KWQ
#
_entry.id   3KWQ
#
_cell.length_a   105.561
_cell.length_b   109.542
_cell.length_c   180.650
_cell.angle_alpha   90.00
_cell.angle_beta   90.00
_cell.angle_gamma   90.00
#
_symmetry.space_group_name_H-M   'P 21 21 21'
#
loop_
_entity.id
_entity.type
_entity.pdbx_description
1 polymer 'Histone H3.2'
2 polymer 'Histone H4'
3 polymer 'Histone H2A'
4 polymer 'Histone H2B 1.1'
5 polymer 'DNA (146-MER)'
6 water water
#
loop_
_entity_poly.entity_id
_entity_poly.type
_entity_poly.pdbx_seq_one_letter_code
_entity_poly.pdbx_strand_id
1 'polypeptide(L)'
;PHRYRPGTVALREIRRYQESTELLIRKLPFQRLVREIAQDFKTDLRFQSSAVMALQEASEAYLVALFEDTNLCAIHAKRV
TIMPKDIQLARRIRGERA
;
A,E
2 'polypeptide(L)'
;KVLRDNIQGITKPAIRRLARRGGVKRISGLIYEETRGVLKVFLENVIRDAVTYTEHAKRKTVTAMDVVYALKRQGRTLYG
FGG
;
B,F
3 'polypeptide(L)'
;AKTRSSRAGLQFPVGRVHRLLRKGNYAERVGAGAPVYLAAVLEYLTAEILELAGNAARDNKKTRIIPRHLQLAVRNDEEL
NKLLGRVTIAQGGVLPNIQSVLLPKKT
;
C,G
4 'polypeptide(L)'
;RKESYAIYVYKVLKQVHPDTGISSKAMSIMNSFVNDVFERIAGEASRLAHYNKRSTITSREIQTAVRLLLPGELAKHAVS
EGTKAVTKYTSAK
;
D,H
5 'polydeoxyribonucleotide'
;(DA)(DT)(DC)(DA)(DA)(DT)(DA)(DT)(DC)(DC)(DA)(DC)(DC)(DT)(DG)(DC)(DA)(DG)(DA)(DT)
(DT)(DC)(DT)(DA)(DC)(DC)(DA)(DA)(DA)(DA)(DG)(DT)(DG)(DT)(DA)(DT)(DT)(DT)(DG)(DG)
(DA)(DA)(DA)(DC)(DT)(DG)(DC)(DT)(DC)(DC)(DA)(DT)(DC)(DA)(DA)(DA)(DA)(DG)(DG)(DC)
(DA)(DT)(DG)(DT)(DT)(DC)(DA)(DG)(DC)(DG)(DG)(DA)(DA)(DT)(DT)(DC)(DC)(DG)(DC)(DT)
(DG)(DA)(DA)(DC)(DA)(DT)(DG)(DC)(DC)(DT)(DT)(DT)(DT)(DG)(DA)(DT)(DG)(DG)(DA)(DG)
(DC)(DA)(DG)(DT)(DT)(DT)(DC)(DC)(DA)(DA)(DA)(DT)(DA)(DC)(DA)(DC)(DT)(DT)(DT)(DT)
(DG)(DG)(DT)(DA)(DG)(DA)(DA)(DT)(DC)(DT)(DG)(DC)(DA)(DG)(DG)(DT)(DG)(DG)(DA)(DT)
(DA)(DT)(DT)(DG)(DA)(DT)
;
I,J
#
# COMPACT_ATOMS: atom_id res chain seq x y z
N PRO A 1 36.00 41.88 5.17
CA PRO A 1 36.38 40.63 5.85
C PRO A 1 35.17 39.95 6.48
N HIS A 2 34.05 39.96 5.77
CA HIS A 2 32.79 39.38 6.29
C HIS A 2 32.44 37.94 5.86
N ARG A 3 32.23 37.08 6.87
CA ARG A 3 31.93 35.67 6.65
C ARG A 3 30.86 35.15 7.61
N TYR A 4 29.88 34.43 7.06
CA TYR A 4 28.79 33.83 7.82
C TYR A 4 29.24 32.48 8.37
N ARG A 5 28.87 32.15 9.59
CA ARG A 5 29.29 30.87 10.13
C ARG A 5 28.57 29.70 9.49
N PRO A 6 29.23 28.54 9.39
CA PRO A 6 28.61 27.36 8.78
C PRO A 6 27.29 26.97 9.41
N GLY A 7 26.23 26.97 8.60
CA GLY A 7 24.94 26.60 9.11
C GLY A 7 24.00 27.77 9.08
N THR A 8 24.55 28.97 9.13
CA THR A 8 23.72 30.16 9.10
C THR A 8 23.20 30.37 7.72
N VAL A 9 23.93 29.87 6.72
CA VAL A 9 23.44 30.02 5.37
C VAL A 9 22.52 28.86 5.07
N ALA A 10 22.89 27.69 5.61
CA ALA A 10 22.08 26.49 5.39
C ALA A 10 20.69 26.79 5.93
N LEU A 11 20.62 27.14 7.20
CA LEU A 11 19.36 27.43 7.82
C LEU A 11 18.54 28.43 7.04
N ARG A 12 19.18 29.35 6.32
CA ARG A 12 18.38 30.33 5.58
C ARG A 12 17.90 29.71 4.28
N GLU A 13 18.66 28.74 3.78
CA GLU A 13 18.26 28.08 2.56
C GLU A 13 17.03 27.22 2.84
N ILE A 14 17.07 26.44 3.92
CA ILE A 14 15.94 25.61 4.29
C ILE A 14 14.71 26.48 4.32
N ARG A 15 14.79 27.61 5.00
CA ARG A 15 13.68 28.52 5.08
C ARG A 15 13.23 28.92 3.67
N ARG A 16 14.21 29.30 2.84
CA ARG A 16 13.94 29.73 1.48
C ARG A 16 13.19 28.70 0.64
N TYR A 17 13.70 27.49 0.60
CA TYR A 17 13.10 26.43 -0.19
C TYR A 17 11.85 25.73 0.33
N GLN A 18 11.55 25.84 1.62
CA GLN A 18 10.36 25.17 2.10
C GLN A 18 9.23 26.13 1.81
N GLU A 19 9.60 27.33 1.40
CA GLU A 19 8.63 28.36 1.10
C GLU A 19 8.25 28.40 -0.37
N SER A 20 9.12 27.90 -1.24
CA SER A 20 8.82 27.90 -2.67
C SER A 20 8.43 26.51 -3.14
N THR A 21 7.77 26.44 -4.28
CA THR A 21 7.33 25.15 -4.79
C THR A 21 7.99 24.80 -6.11
N GLU A 22 8.79 25.71 -6.62
CA GLU A 22 9.48 25.48 -7.87
C GLU A 22 10.32 24.23 -7.84
N LEU A 23 10.54 23.62 -9.00
CA LEU A 23 11.36 22.42 -9.11
C LEU A 23 12.83 22.76 -8.86
N LEU A 24 13.56 21.88 -8.20
CA LEU A 24 14.94 22.14 -7.88
C LEU A 24 16.00 21.50 -8.77
N ILE A 25 15.61 20.52 -9.58
CA ILE A 25 16.57 19.91 -10.48
C ILE A 25 16.38 20.59 -11.83
N ARG A 26 17.46 20.77 -12.57
CA ARG A 26 17.36 21.43 -13.86
C ARG A 26 16.75 20.53 -14.92
N LYS A 27 15.63 20.97 -15.46
CA LYS A 27 14.90 20.20 -16.45
C LYS A 27 15.60 19.45 -17.57
N LEU A 28 16.54 20.12 -18.24
CA LEU A 28 17.29 19.47 -19.33
C LEU A 28 17.96 18.23 -18.77
N PRO A 29 18.98 18.43 -17.92
CA PRO A 29 19.70 17.33 -17.29
C PRO A 29 18.75 16.22 -16.93
N PHE A 30 17.66 16.60 -16.28
CA PHE A 30 16.66 15.64 -15.83
C PHE A 30 15.99 14.91 -17.00
N GLN A 31 15.64 15.64 -18.02
CA GLN A 31 14.99 15.04 -19.16
C GLN A 31 15.92 14.07 -19.90
N ARG A 32 17.23 14.27 -19.79
CA ARG A 32 18.18 13.37 -20.47
C ARG A 32 18.21 12.02 -19.77
N LEU A 33 18.08 12.05 -18.45
CA LEU A 33 18.10 10.86 -17.61
C LEU A 33 16.85 10.03 -17.84
N VAL A 34 15.70 10.70 -17.89
CA VAL A 34 14.43 10.04 -18.13
C VAL A 34 14.48 9.29 -19.45
N ARG A 35 15.04 9.95 -20.46
CA ARG A 35 15.20 9.37 -21.79
C ARG A 35 16.28 8.26 -21.78
N GLU A 36 17.41 8.51 -21.11
CA GLU A 36 18.49 7.54 -21.04
C GLU A 36 18.04 6.22 -20.42
N ILE A 37 17.31 6.31 -19.32
CA ILE A 37 16.83 5.13 -18.61
C ILE A 37 15.79 4.37 -19.41
N ALA A 38 14.83 5.11 -19.96
CA ALA A 38 13.78 4.49 -20.77
C ALA A 38 14.33 3.73 -21.98
N GLN A 39 15.34 4.31 -22.64
CA GLN A 39 15.91 3.67 -23.82
C GLN A 39 16.24 2.22 -23.58
N ASP A 40 16.36 1.84 -22.31
CA ASP A 40 16.70 0.47 -21.97
C ASP A 40 15.48 -0.43 -21.86
N PHE A 41 14.30 0.14 -21.85
CA PHE A 41 13.09 -0.66 -21.74
C PHE A 41 12.43 -0.78 -23.11
N LYS A 42 12.60 0.25 -23.92
CA LYS A 42 12.07 0.26 -25.27
C LYS A 42 12.78 1.35 -26.05
N THR A 43 13.24 0.98 -27.24
CA THR A 43 13.97 1.86 -28.12
C THR A 43 13.14 2.89 -28.87
N ASP A 44 13.74 4.04 -29.15
CA ASP A 44 13.11 5.15 -29.86
C ASP A 44 11.73 5.51 -29.32
N LEU A 45 11.70 6.11 -28.15
CA LEU A 45 10.44 6.47 -27.56
C LEU A 45 10.35 7.97 -27.57
N ARG A 46 9.15 8.48 -27.36
CA ARG A 46 8.92 9.90 -27.31
C ARG A 46 8.18 10.16 -26.01
N PHE A 47 8.40 11.31 -25.39
CA PHE A 47 7.72 11.62 -24.13
C PHE A 47 6.81 12.82 -24.26
N GLN A 48 5.61 12.78 -23.69
CA GLN A 48 4.78 13.96 -23.74
C GLN A 48 5.45 14.90 -22.74
N SER A 49 5.50 16.20 -23.05
CA SER A 49 6.14 17.16 -22.17
C SER A 49 5.56 17.13 -20.77
N SER A 50 4.26 16.83 -20.68
CA SER A 50 3.58 16.77 -19.40
C SER A 50 3.87 15.44 -18.71
N ALA A 51 4.48 14.52 -19.45
CA ALA A 51 4.82 13.22 -18.90
C ALA A 51 6.15 13.33 -18.16
N VAL A 52 7.12 13.98 -18.78
CA VAL A 52 8.41 14.16 -18.15
C VAL A 52 8.23 15.02 -16.89
N MET A 53 7.29 15.96 -16.92
CA MET A 53 7.07 16.82 -15.79
C MET A 53 6.44 16.07 -14.63
N ALA A 54 5.42 15.27 -14.91
CA ALA A 54 4.77 14.51 -13.85
C ALA A 54 5.88 13.68 -13.24
N LEU A 55 6.82 13.26 -14.07
CA LEU A 55 7.96 12.46 -13.63
C LEU A 55 8.88 13.23 -12.67
N GLN A 56 9.14 14.49 -12.96
CA GLN A 56 10.01 15.30 -12.09
C GLN A 56 9.34 15.59 -10.74
N GLU A 57 8.15 16.17 -10.82
CA GLU A 57 7.40 16.47 -9.63
C GLU A 57 7.43 15.30 -8.67
N ALA A 58 7.18 14.10 -9.20
CA ALA A 58 7.13 12.87 -8.41
C ALA A 58 8.48 12.47 -7.85
N SER A 59 9.52 12.65 -8.67
CA SER A 59 10.88 12.31 -8.28
C SER A 59 11.40 13.20 -7.14
N GLU A 60 11.25 14.51 -7.28
CA GLU A 60 11.72 15.39 -6.22
C GLU A 60 10.81 15.27 -4.99
N ALA A 61 9.50 15.18 -5.24
CA ALA A 61 8.55 15.05 -4.15
C ALA A 61 8.97 13.84 -3.34
N TYR A 62 9.39 12.79 -4.05
CA TYR A 62 9.87 11.55 -3.43
C TYR A 62 11.16 11.81 -2.66
N LEU A 63 12.17 12.31 -3.35
CA LEU A 63 13.46 12.59 -2.74
C LEU A 63 13.35 13.47 -1.50
N VAL A 64 12.59 14.57 -1.59
CA VAL A 64 12.45 15.46 -0.45
C VAL A 64 12.06 14.67 0.81
N ALA A 65 10.91 14.02 0.74
CA ALA A 65 10.42 13.27 1.86
C ALA A 65 11.47 12.33 2.42
N LEU A 66 12.25 11.70 1.56
CA LEU A 66 13.30 10.75 1.97
C LEU A 66 14.40 11.44 2.78
N PHE A 67 14.76 12.65 2.39
CA PHE A 67 15.77 13.34 3.12
C PHE A 67 15.16 13.61 4.48
N GLU A 68 13.88 13.95 4.52
CA GLU A 68 13.22 14.19 5.80
C GLU A 68 13.48 13.02 6.78
N ASP A 69 13.30 11.79 6.29
CA ASP A 69 13.48 10.60 7.11
C ASP A 69 14.94 10.37 7.36
N THR A 70 15.75 10.72 6.37
CA THR A 70 17.19 10.54 6.50
C THR A 70 17.70 11.47 7.61
N ASN A 71 17.17 12.67 7.64
CA ASN A 71 17.54 13.67 8.62
C ASN A 71 17.14 13.20 10.01
N LEU A 72 15.93 12.67 10.13
CA LEU A 72 15.44 12.17 11.41
C LEU A 72 16.34 11.02 11.83
N CYS A 73 16.89 10.33 10.83
CA CYS A 73 17.77 9.20 11.09
C CYS A 73 19.12 9.69 11.66
N ALA A 74 19.63 10.78 11.12
CA ALA A 74 20.88 11.35 11.59
C ALA A 74 20.66 11.90 12.98
N ILE A 75 19.65 12.75 13.12
CA ILE A 75 19.33 13.28 14.43
C ILE A 75 19.23 12.16 15.46
N HIS A 76 18.72 11.02 15.03
CA HIS A 76 18.54 9.89 15.93
C HIS A 76 19.88 9.35 16.42
N ALA A 77 20.91 9.44 15.59
CA ALA A 77 22.25 8.97 15.95
C ALA A 77 23.06 10.12 16.55
N LYS A 78 22.36 11.21 16.84
CA LYS A 78 22.99 12.38 17.43
C LYS A 78 23.95 13.06 16.48
N ARG A 79 23.47 13.36 15.28
CA ARG A 79 24.29 14.03 14.29
C ARG A 79 23.44 15.09 13.62
N VAL A 80 24.07 15.91 12.80
CA VAL A 80 23.38 16.97 12.10
C VAL A 80 23.73 16.81 10.65
N THR A 81 24.71 15.98 10.42
CA THR A 81 25.13 15.62 9.07
C THR A 81 24.47 14.33 8.61
N ILE A 82 23.78 14.34 7.53
CA ILE A 82 23.17 13.11 7.08
C ILE A 82 24.29 12.34 6.37
N MET A 83 24.22 11.02 6.40
CA MET A 83 25.25 10.22 5.76
C MET A 83 24.60 9.14 4.93
N PRO A 84 25.39 8.40 4.15
CA PRO A 84 24.80 7.34 3.35
C PRO A 84 24.01 6.38 4.22
N LYS A 85 24.59 5.94 5.33
CA LYS A 85 23.92 5.00 6.22
C LYS A 85 22.58 5.46 6.73
N ASP A 86 22.33 6.76 6.70
CA ASP A 86 21.04 7.28 7.14
C ASP A 86 19.99 6.91 6.09
N ILE A 87 20.26 7.28 4.83
CA ILE A 87 19.37 6.97 3.72
C ILE A 87 19.07 5.48 3.76
N GLN A 88 20.11 4.69 3.57
CA GLN A 88 19.98 3.23 3.61
C GLN A 88 19.04 2.76 4.71
N LEU A 89 19.21 3.32 5.90
CA LEU A 89 18.37 2.97 7.03
C LEU A 89 16.91 3.35 6.77
N ALA A 90 16.67 4.58 6.34
CA ALA A 90 15.30 5.00 6.07
C ALA A 90 14.69 4.17 4.96
N ARG A 91 15.49 3.68 4.03
CA ARG A 91 14.93 2.86 2.97
C ARG A 91 14.67 1.44 3.45
N ARG A 92 15.60 0.82 4.15
CA ARG A 92 15.36 -0.52 4.66
C ARG A 92 14.04 -0.59 5.42
N ILE A 93 13.86 0.33 6.37
CA ILE A 93 12.64 0.39 7.18
C ILE A 93 11.37 0.74 6.39
N ARG A 94 11.55 1.43 5.27
CA ARG A 94 10.42 1.79 4.43
C ARG A 94 9.96 0.58 3.67
N GLY A 95 10.90 -0.33 3.43
CA GLY A 95 10.58 -1.52 2.70
C GLY A 95 11.15 -1.49 1.29
N GLU A 96 11.77 -0.38 0.92
CA GLU A 96 12.35 -0.25 -0.41
C GLU A 96 13.58 -1.12 -0.59
N ARG A 97 14.16 -1.55 0.53
CA ARG A 97 15.37 -2.37 0.48
C ARG A 97 15.08 -3.84 0.81
N ALA A 98 15.42 -4.24 2.03
CA ALA A 98 15.20 -5.62 2.45
C ALA A 98 14.34 -5.62 3.72
N ASP B 5 28.49 11.69 -18.14
CA ASP B 5 27.24 10.86 -18.11
C ASP B 5 26.07 11.60 -17.45
N ASN B 6 24.86 11.33 -17.94
CA ASN B 6 23.64 11.99 -17.48
C ASN B 6 23.29 11.93 -16.02
N ILE B 7 23.58 10.82 -15.35
CA ILE B 7 23.24 10.74 -13.94
C ILE B 7 23.98 11.86 -13.22
N GLN B 8 25.14 12.25 -13.75
CA GLN B 8 25.90 13.31 -13.12
C GLN B 8 25.28 14.63 -13.48
N GLY B 9 24.21 14.55 -14.26
CA GLY B 9 23.46 15.74 -14.67
C GLY B 9 22.74 16.24 -13.44
N ILE B 10 22.28 15.30 -12.62
CA ILE B 10 21.64 15.68 -11.39
C ILE B 10 22.88 16.11 -10.64
N THR B 11 23.05 17.42 -10.52
CA THR B 11 24.23 18.02 -9.91
C THR B 11 24.18 18.19 -8.39
N LYS B 12 25.35 18.27 -7.78
CA LYS B 12 25.44 18.41 -6.34
C LYS B 12 24.51 19.49 -5.82
N PRO B 13 24.58 20.72 -6.38
CA PRO B 13 23.72 21.83 -5.97
C PRO B 13 22.22 21.53 -6.07
N ALA B 14 21.84 20.68 -7.01
CA ALA B 14 20.43 20.32 -7.15
C ALA B 14 20.10 19.48 -5.94
N ILE B 15 20.87 18.41 -5.76
CA ILE B 15 20.70 17.50 -4.63
C ILE B 15 20.70 18.34 -3.32
N ARG B 16 21.61 19.30 -3.23
CA ARG B 16 21.69 20.17 -2.06
C ARG B 16 20.39 20.93 -1.87
N ARG B 17 19.75 21.31 -2.96
CA ARG B 17 18.50 22.03 -2.85
C ARG B 17 17.38 21.11 -2.44
N LEU B 18 17.40 19.88 -2.95
CA LEU B 18 16.35 18.96 -2.59
C LEU B 18 16.39 18.84 -1.10
N ALA B 19 17.43 18.19 -0.58
CA ALA B 19 17.57 17.97 0.87
C ALA B 19 17.14 19.18 1.73
N ARG B 20 17.66 20.36 1.37
CA ARG B 20 17.31 21.57 2.07
C ARG B 20 15.79 21.60 2.28
N ARG B 21 15.05 21.50 1.19
CA ARG B 21 13.60 21.49 1.28
C ARG B 21 13.15 20.46 2.30
N GLY B 22 14.00 19.48 2.53
CA GLY B 22 13.67 18.44 3.47
C GLY B 22 14.10 18.85 4.85
N GLY B 23 14.74 20.00 4.91
CA GLY B 23 15.19 20.47 6.19
C GLY B 23 16.50 19.86 6.62
N VAL B 24 17.40 19.65 5.68
CA VAL B 24 18.72 19.10 5.97
C VAL B 24 19.65 20.25 6.31
N LYS B 25 20.41 20.13 7.39
CA LYS B 25 21.31 21.22 7.73
C LYS B 25 22.71 21.05 7.23
N ARG B 26 23.27 19.86 7.42
CA ARG B 26 24.63 19.60 7.00
C ARG B 26 24.68 18.31 6.25
N ILE B 27 25.34 18.33 5.09
CA ILE B 27 25.40 17.16 4.22
C ILE B 27 26.76 16.51 3.99
N SER B 28 26.87 15.21 4.27
CA SER B 28 28.11 14.48 4.05
C SER B 28 28.45 14.60 2.59
N GLY B 29 29.62 14.11 2.23
CA GLY B 29 30.02 14.22 0.83
C GLY B 29 29.51 13.08 -0.02
N LEU B 30 29.52 11.88 0.53
CA LEU B 30 29.09 10.72 -0.22
C LEU B 30 27.59 10.74 -0.57
N ILE B 31 26.82 11.50 0.21
CA ILE B 31 25.37 11.63 0.02
C ILE B 31 25.00 11.85 -1.45
N TYR B 32 25.79 12.66 -2.12
CA TYR B 32 25.55 12.97 -3.51
C TYR B 32 25.43 11.76 -4.43
N GLU B 33 26.35 10.79 -4.30
CA GLU B 33 26.29 9.59 -5.14
C GLU B 33 25.21 8.62 -4.64
N GLU B 34 24.98 8.59 -3.34
CA GLU B 34 23.97 7.72 -2.79
C GLU B 34 22.62 8.21 -3.27
N THR B 35 22.48 9.53 -3.36
CA THR B 35 21.23 10.11 -3.81
C THR B 35 21.02 9.84 -5.28
N ARG B 36 22.11 9.78 -6.01
CA ARG B 36 21.99 9.54 -7.42
C ARG B 36 21.45 8.15 -7.65
N GLY B 37 22.10 7.16 -7.05
CA GLY B 37 21.69 5.78 -7.22
C GLY B 37 20.24 5.56 -6.84
N VAL B 38 19.80 6.21 -5.77
CA VAL B 38 18.41 6.07 -5.33
C VAL B 38 17.47 6.69 -6.35
N LEU B 39 17.85 7.82 -6.91
CA LEU B 39 17.01 8.50 -7.89
C LEU B 39 16.85 7.63 -9.12
N LYS B 40 17.91 6.92 -9.47
CA LYS B 40 17.89 6.06 -10.64
C LYS B 40 16.94 4.90 -10.39
N VAL B 41 17.16 4.19 -9.30
CA VAL B 41 16.30 3.07 -8.98
C VAL B 41 14.86 3.57 -8.99
N PHE B 42 14.63 4.74 -8.42
CA PHE B 42 13.28 5.26 -8.41
C PHE B 42 12.79 5.35 -9.83
N LEU B 43 13.46 6.14 -10.63
CA LEU B 43 13.07 6.30 -12.00
C LEU B 43 12.88 4.97 -12.77
N GLU B 44 13.90 4.12 -12.78
CA GLU B 44 13.79 2.86 -13.50
C GLU B 44 12.50 2.13 -13.20
N ASN B 45 12.20 1.98 -11.92
CA ASN B 45 10.97 1.31 -11.50
C ASN B 45 9.71 1.96 -12.06
N VAL B 46 9.65 3.29 -11.98
CA VAL B 46 8.50 4.06 -12.45
C VAL B 46 8.37 4.05 -13.96
N ILE B 47 9.46 4.35 -14.64
CA ILE B 47 9.47 4.41 -16.10
C ILE B 47 9.22 3.04 -16.70
N ARG B 48 9.66 2.00 -16.02
CA ARG B 48 9.46 0.64 -16.51
C ARG B 48 7.96 0.36 -16.62
N ASP B 49 7.21 0.66 -15.58
CA ASP B 49 5.78 0.43 -15.60
C ASP B 49 5.13 1.39 -16.58
N ALA B 50 5.59 2.64 -16.59
CA ALA B 50 5.06 3.65 -17.50
C ALA B 50 5.17 3.12 -18.92
N VAL B 51 6.39 2.82 -19.34
CA VAL B 51 6.62 2.30 -20.68
C VAL B 51 5.83 1.04 -20.98
N THR B 52 5.48 0.27 -19.95
CA THR B 52 4.72 -0.97 -20.17
C THR B 52 3.30 -0.63 -20.56
N TYR B 53 2.75 0.40 -19.95
CA TYR B 53 1.41 0.81 -20.29
C TYR B 53 1.45 1.30 -21.72
N THR B 54 2.51 2.04 -22.04
CA THR B 54 2.71 2.56 -23.39
C THR B 54 2.58 1.37 -24.33
N GLU B 55 3.57 0.47 -24.31
CA GLU B 55 3.51 -0.70 -25.20
C GLU B 55 2.21 -1.48 -25.15
N HIS B 56 1.34 -1.23 -24.17
CA HIS B 56 0.10 -2.00 -24.17
C HIS B 56 -0.86 -1.29 -25.08
N ALA B 57 -0.86 0.03 -24.99
CA ALA B 57 -1.75 0.84 -25.82
C ALA B 57 -1.26 0.92 -27.28
N LYS B 58 -0.04 0.43 -27.52
CA LYS B 58 0.54 0.35 -28.85
C LYS B 58 1.22 1.61 -29.40
N ARG B 59 1.54 2.55 -28.54
CA ARG B 59 2.15 3.80 -28.98
C ARG B 59 3.68 3.78 -28.88
N LYS B 60 4.31 4.90 -29.21
CA LYS B 60 5.76 5.09 -29.13
C LYS B 60 5.99 6.36 -28.31
N THR B 61 4.90 6.83 -27.72
CA THR B 61 4.90 8.04 -26.94
C THR B 61 4.36 7.88 -25.51
N VAL B 62 5.28 7.91 -24.56
CA VAL B 62 4.98 7.82 -23.14
C VAL B 62 4.02 8.97 -22.90
N THR B 63 2.87 8.72 -22.27
CA THR B 63 1.93 9.83 -22.02
C THR B 63 1.88 10.25 -20.55
N ALA B 64 1.29 11.40 -20.27
CA ALA B 64 1.18 11.85 -18.91
C ALA B 64 0.50 10.73 -18.12
N MET B 65 -0.64 10.28 -18.63
CA MET B 65 -1.43 9.23 -18.00
C MET B 65 -0.69 7.92 -17.73
N ASP B 66 0.18 7.51 -18.64
CA ASP B 66 0.91 6.29 -18.40
C ASP B 66 1.77 6.48 -17.17
N VAL B 67 2.33 7.66 -17.01
CA VAL B 67 3.15 7.95 -15.86
C VAL B 67 2.26 7.95 -14.62
N VAL B 68 1.14 8.66 -14.69
CA VAL B 68 0.23 8.71 -13.56
C VAL B 68 -0.16 7.32 -13.13
N TYR B 69 -0.63 6.54 -14.09
CA TYR B 69 -1.04 5.19 -13.80
C TYR B 69 0.08 4.39 -13.16
N ALA B 70 1.31 4.61 -13.60
CA ALA B 70 2.45 3.88 -13.03
C ALA B 70 2.63 4.34 -11.59
N LEU B 71 2.73 5.65 -11.44
CA LEU B 71 2.90 6.24 -10.13
C LEU B 71 1.76 5.83 -9.20
N LYS B 72 0.65 5.34 -9.75
CA LYS B 72 -0.46 4.92 -8.91
C LYS B 72 -0.29 3.52 -8.39
N ARG B 73 0.05 2.61 -9.29
CA ARG B 73 0.19 1.22 -8.92
C ARG B 73 1.37 1.00 -8.00
N GLN B 74 1.50 1.84 -6.98
CA GLN B 74 2.58 1.72 -6.04
C GLN B 74 2.27 2.40 -4.73
N GLY B 75 1.40 3.39 -4.78
CA GLY B 75 1.06 4.10 -3.58
C GLY B 75 1.94 5.30 -3.66
N ARG B 76 2.11 5.80 -4.88
CA ARG B 76 2.85 7.02 -5.15
C ARG B 76 1.95 7.96 -5.95
N THR B 77 0.62 7.74 -5.87
CA THR B 77 -0.39 8.53 -6.57
C THR B 77 0.01 9.99 -6.74
N LEU B 78 -0.29 10.53 -7.92
CA LEU B 78 0.06 11.91 -8.23
C LEU B 78 -1.12 12.72 -8.73
N TYR B 79 -1.30 13.91 -8.18
CA TYR B 79 -2.40 14.80 -8.55
C TYR B 79 -1.93 15.98 -9.41
N GLY B 80 -2.62 16.22 -10.52
CA GLY B 80 -2.29 17.35 -11.38
C GLY B 80 -1.90 17.05 -12.81
N PHE B 81 -2.17 15.84 -13.29
CA PHE B 81 -1.81 15.53 -14.65
C PHE B 81 -2.85 14.68 -15.32
N GLY B 82 -4.12 14.98 -15.04
CA GLY B 82 -5.20 14.21 -15.61
C GLY B 82 -5.32 12.95 -14.78
N GLY B 83 -6.52 12.44 -14.57
CA GLY B 83 -6.67 11.25 -13.76
C GLY B 83 -6.45 11.48 -12.26
N ALA C 1 -15.26 -35.68 -25.06
CA ALA C 1 -15.42 -34.30 -24.49
C ALA C 1 -14.22 -33.95 -23.62
N LYS C 2 -13.20 -33.37 -24.24
CA LYS C 2 -12.01 -32.98 -23.52
C LYS C 2 -12.15 -31.67 -22.75
N THR C 3 -11.64 -31.63 -21.52
CA THR C 3 -11.68 -30.44 -20.69
C THR C 3 -10.82 -29.40 -21.39
N ARG C 4 -11.09 -28.14 -21.14
CA ARG C 4 -10.30 -27.11 -21.77
C ARG C 4 -8.87 -27.14 -21.21
N SER C 5 -8.74 -27.53 -19.95
CA SER C 5 -7.41 -27.59 -19.34
C SER C 5 -6.53 -28.54 -20.12
N SER C 6 -7.05 -29.72 -20.41
CA SER C 6 -6.27 -30.69 -21.17
C SER C 6 -5.94 -30.11 -22.54
N ARG C 7 -6.87 -29.38 -23.13
CA ARG C 7 -6.62 -28.80 -24.45
C ARG C 7 -5.41 -27.86 -24.40
N ALA C 8 -5.17 -27.26 -23.25
CA ALA C 8 -4.08 -26.31 -23.06
C ALA C 8 -2.80 -26.83 -22.38
N GLY C 9 -2.81 -28.08 -21.94
CA GLY C 9 -1.64 -28.65 -21.30
C GLY C 9 -1.50 -28.26 -19.84
N LEU C 10 -2.61 -27.92 -19.21
CA LEU C 10 -2.59 -27.49 -17.81
C LEU C 10 -3.22 -28.46 -16.83
N GLN C 11 -3.02 -28.17 -15.56
CA GLN C 11 -3.55 -28.97 -14.48
C GLN C 11 -4.65 -28.15 -13.85
N PHE C 12 -4.42 -26.84 -13.79
CA PHE C 12 -5.35 -25.86 -13.21
C PHE C 12 -6.58 -25.72 -14.10
N PRO C 13 -7.78 -25.78 -13.48
CA PRO C 13 -9.10 -25.69 -14.11
C PRO C 13 -9.38 -24.44 -14.92
N VAL C 14 -9.10 -24.47 -16.24
CA VAL C 14 -9.37 -23.29 -17.07
C VAL C 14 -10.83 -23.01 -16.98
N GLY C 15 -11.59 -24.10 -16.86
CA GLY C 15 -13.03 -23.95 -16.74
C GLY C 15 -13.41 -23.10 -15.56
N ARG C 16 -12.68 -23.26 -14.47
CA ARG C 16 -12.97 -22.52 -13.25
C ARG C 16 -12.44 -21.10 -13.36
N VAL C 17 -11.14 -20.97 -13.58
CA VAL C 17 -10.54 -19.67 -13.76
C VAL C 17 -11.46 -18.80 -14.60
N HIS C 18 -11.88 -19.34 -15.72
CA HIS C 18 -12.75 -18.61 -16.63
C HIS C 18 -14.00 -18.13 -15.94
N ARG C 19 -14.71 -19.05 -15.28
CA ARG C 19 -15.96 -18.71 -14.60
C ARG C 19 -15.77 -17.61 -13.57
N LEU C 20 -14.68 -17.70 -12.80
CA LEU C 20 -14.40 -16.73 -11.77
C LEU C 20 -14.15 -15.38 -12.40
N LEU C 21 -13.45 -15.39 -13.52
CA LEU C 21 -13.17 -14.14 -14.19
C LEU C 21 -14.43 -13.33 -14.49
N ARG C 22 -15.55 -14.02 -14.70
CA ARG C 22 -16.82 -13.36 -15.02
C ARG C 22 -17.55 -12.84 -13.78
N LYS C 23 -17.73 -13.71 -12.79
CA LYS C 23 -18.41 -13.33 -11.55
C LYS C 23 -17.62 -12.28 -10.76
N GLY C 24 -16.38 -12.03 -11.15
CA GLY C 24 -15.59 -11.05 -10.45
C GLY C 24 -15.81 -9.64 -10.98
N ASN C 25 -16.39 -9.54 -12.18
CA ASN C 25 -16.68 -8.25 -12.82
C ASN C 25 -15.46 -7.40 -13.12
N TYR C 26 -14.47 -8.02 -13.73
CA TYR C 26 -13.26 -7.30 -14.05
C TYR C 26 -13.49 -6.58 -15.36
N ALA C 27 -14.57 -6.95 -16.02
CA ALA C 27 -14.90 -6.33 -17.28
C ALA C 27 -16.22 -6.83 -17.86
N GLU C 28 -16.63 -6.21 -18.96
CA GLU C 28 -17.85 -6.62 -19.61
C GLU C 28 -17.66 -8.01 -20.20
N ARG C 29 -16.65 -8.15 -21.05
CA ARG C 29 -16.38 -9.42 -21.69
C ARG C 29 -14.99 -9.98 -21.29
N VAL C 30 -14.81 -11.28 -21.45
CA VAL C 30 -13.55 -11.92 -21.12
C VAL C 30 -13.09 -12.82 -22.25
N GLY C 31 -11.91 -12.53 -22.79
CA GLY C 31 -11.37 -13.36 -23.85
C GLY C 31 -11.46 -14.83 -23.53
N ALA C 32 -11.24 -15.68 -24.53
CA ALA C 32 -11.26 -17.11 -24.30
C ALA C 32 -9.85 -17.56 -24.06
N GLY C 33 -8.92 -16.63 -24.23
CA GLY C 33 -7.53 -16.92 -24.01
C GLY C 33 -7.17 -16.55 -22.57
N ALA C 34 -7.82 -15.49 -22.08
CA ALA C 34 -7.61 -15.02 -20.73
C ALA C 34 -7.63 -16.21 -19.80
N PRO C 35 -8.81 -16.79 -19.59
CA PRO C 35 -8.78 -17.92 -18.67
C PRO C 35 -7.61 -18.88 -18.87
N VAL C 36 -7.29 -19.24 -20.10
CA VAL C 36 -6.17 -20.15 -20.26
C VAL C 36 -4.89 -19.54 -19.76
N TYR C 37 -4.53 -18.40 -20.31
CA TYR C 37 -3.30 -17.74 -19.90
C TYR C 37 -3.23 -17.69 -18.35
N LEU C 38 -4.19 -17.03 -17.74
CA LEU C 38 -4.21 -16.93 -16.29
C LEU C 38 -3.95 -18.25 -15.60
N ALA C 39 -4.84 -19.23 -15.80
CA ALA C 39 -4.67 -20.54 -15.19
C ALA C 39 -3.25 -21.03 -15.37
N ALA C 40 -2.70 -20.85 -16.56
CA ALA C 40 -1.33 -21.29 -16.83
C ALA C 40 -0.34 -20.58 -15.90
N VAL C 41 -0.54 -19.29 -15.72
CA VAL C 41 0.33 -18.52 -14.85
C VAL C 41 0.14 -18.94 -13.40
N LEU C 42 -1.11 -19.11 -12.98
CA LEU C 42 -1.35 -19.53 -11.62
C LEU C 42 -0.64 -20.84 -11.40
N GLU C 43 -0.90 -21.81 -12.28
CA GLU C 43 -0.27 -23.12 -12.15
C GLU C 43 1.26 -22.99 -12.05
N TYR C 44 1.86 -22.13 -12.86
CA TYR C 44 3.30 -21.98 -12.83
C TYR C 44 3.81 -21.44 -11.50
N LEU C 45 3.16 -20.39 -11.00
CA LEU C 45 3.54 -19.78 -9.73
C LEU C 45 3.34 -20.75 -8.57
N THR C 46 2.37 -21.67 -8.67
CA THR C 46 2.19 -22.56 -7.53
C THR C 46 3.16 -23.70 -7.64
N ALA C 47 3.73 -23.87 -8.81
CA ALA C 47 4.68 -24.94 -8.99
C ALA C 47 6.02 -24.42 -8.55
N GLU C 48 6.26 -23.13 -8.74
CA GLU C 48 7.54 -22.55 -8.35
C GLU C 48 7.73 -22.60 -6.84
N ILE C 49 6.70 -22.16 -6.13
CA ILE C 49 6.73 -22.11 -4.68
C ILE C 49 6.71 -23.51 -4.08
N LEU C 50 5.97 -24.44 -4.68
CA LEU C 50 5.92 -25.78 -4.12
C LEU C 50 7.24 -26.46 -4.25
N GLU C 51 7.95 -26.11 -5.31
CA GLU C 51 9.25 -26.67 -5.56
C GLU C 51 10.15 -26.26 -4.43
N LEU C 52 10.17 -24.96 -4.14
CA LEU C 52 11.00 -24.44 -3.08
C LEU C 52 10.54 -24.95 -1.72
N ALA C 53 9.24 -25.05 -1.52
CA ALA C 53 8.72 -25.55 -0.26
C ALA C 53 9.19 -26.98 -0.06
N GLY C 54 8.95 -27.81 -1.05
CA GLY C 54 9.37 -29.19 -0.97
C GLY C 54 10.81 -29.26 -0.56
N ASN C 55 11.66 -28.46 -1.19
CA ASN C 55 13.08 -28.48 -0.88
C ASN C 55 13.34 -28.10 0.57
N ALA C 56 12.70 -27.03 1.03
CA ALA C 56 12.88 -26.57 2.39
C ALA C 56 12.52 -27.67 3.35
N ALA C 57 11.52 -28.46 2.98
CA ALA C 57 11.05 -29.55 3.82
C ALA C 57 12.02 -30.71 3.81
N ARG C 58 12.85 -30.76 2.79
CA ARG C 58 13.84 -31.82 2.68
C ARG C 58 14.98 -31.43 3.62
N ASP C 59 15.38 -30.18 3.62
CA ASP C 59 16.47 -29.77 4.49
C ASP C 59 16.14 -29.95 5.95
N ASN C 60 14.88 -30.11 6.28
CA ASN C 60 14.52 -30.27 7.68
C ASN C 60 14.01 -31.68 7.93
N LYS C 61 14.44 -32.59 7.08
CA LYS C 61 14.11 -33.99 7.24
C LYS C 61 12.64 -34.25 7.49
N LYS C 62 11.80 -33.67 6.65
CA LYS C 62 10.36 -33.86 6.73
C LYS C 62 9.85 -34.31 5.38
N THR C 63 8.71 -34.96 5.34
CA THR C 63 8.13 -35.43 4.10
C THR C 63 6.92 -34.62 3.70
N ARG C 64 6.37 -33.88 4.66
CA ARG C 64 5.17 -33.13 4.41
C ARG C 64 5.34 -31.67 4.69
N ILE C 65 5.10 -30.87 3.66
CA ILE C 65 5.23 -29.43 3.73
C ILE C 65 4.26 -28.81 4.71
N ILE C 66 4.78 -27.94 5.57
CA ILE C 66 3.97 -27.23 6.57
C ILE C 66 4.17 -25.72 6.37
N PRO C 67 3.35 -24.89 7.02
CA PRO C 67 3.46 -23.44 6.89
C PRO C 67 4.89 -22.95 6.91
N ARG C 68 5.63 -23.32 7.94
CA ARG C 68 7.00 -22.87 8.08
C ARG C 68 7.82 -23.02 6.82
N HIS C 69 7.64 -24.14 6.12
CA HIS C 69 8.35 -24.40 4.87
C HIS C 69 7.95 -23.44 3.74
N LEU C 70 6.68 -23.11 3.61
CA LEU C 70 6.30 -22.22 2.55
C LEU C 70 6.98 -20.90 2.79
N GLN C 71 7.12 -20.53 4.06
CA GLN C 71 7.77 -19.27 4.40
C GLN C 71 9.25 -19.30 4.11
N LEU C 72 9.94 -20.33 4.57
CA LEU C 72 11.37 -20.41 4.33
C LEU C 72 11.62 -20.29 2.83
N ALA C 73 10.73 -20.84 2.03
CA ALA C 73 10.91 -20.82 0.58
C ALA C 73 10.72 -19.43 0.05
N VAL C 74 9.63 -18.79 0.44
CA VAL C 74 9.35 -17.46 -0.03
C VAL C 74 10.42 -16.46 0.40
N ARG C 75 10.59 -16.30 1.70
CA ARG C 75 11.56 -15.36 2.19
C ARG C 75 12.98 -15.56 1.77
N ASN C 76 13.33 -16.75 1.27
CA ASN C 76 14.71 -16.99 0.84
C ASN C 76 14.92 -16.76 -0.64
N ASP C 77 13.83 -16.49 -1.33
CA ASP C 77 13.85 -16.29 -2.76
C ASP C 77 13.59 -14.84 -3.10
N GLU C 78 14.58 -14.13 -3.61
CA GLU C 78 14.42 -12.72 -3.90
C GLU C 78 13.11 -12.31 -4.49
N GLU C 79 12.78 -12.87 -5.65
CA GLU C 79 11.54 -12.48 -6.31
C GLU C 79 10.27 -12.83 -5.58
N LEU C 80 10.09 -14.08 -5.19
CA LEU C 80 8.88 -14.45 -4.46
C LEU C 80 8.69 -13.51 -3.28
N ASN C 81 9.78 -13.25 -2.56
CA ASN C 81 9.71 -12.38 -1.41
C ASN C 81 9.16 -11.02 -1.78
N LYS C 82 9.42 -10.59 -3.00
CA LYS C 82 8.91 -9.30 -3.42
C LYS C 82 7.44 -9.47 -3.73
N LEU C 83 7.10 -10.48 -4.51
CA LEU C 83 5.71 -10.70 -4.85
C LEU C 83 4.82 -10.85 -3.62
N LEU C 84 5.40 -11.27 -2.51
CA LEU C 84 4.62 -11.44 -1.30
C LEU C 84 5.21 -10.62 -0.18
N GLY C 85 5.65 -9.41 -0.52
CA GLY C 85 6.28 -8.53 0.46
C GLY C 85 5.35 -7.93 1.49
N ARG C 86 4.07 -8.09 1.26
CA ARG C 86 3.10 -7.57 2.22
C ARG C 86 2.16 -8.69 2.58
N VAL C 87 2.61 -9.93 2.42
CA VAL C 87 1.77 -11.07 2.76
C VAL C 87 2.30 -11.64 4.05
N THR C 88 1.42 -12.17 4.88
CA THR C 88 1.87 -12.72 6.13
C THR C 88 1.45 -14.15 6.28
N ILE C 89 2.38 -15.06 6.10
CA ILE C 89 2.09 -16.47 6.22
C ILE C 89 1.88 -16.96 7.66
N ALA C 90 0.64 -17.22 8.04
CA ALA C 90 0.33 -17.70 9.39
C ALA C 90 1.22 -18.87 9.77
N GLN C 91 1.54 -18.97 11.06
CA GLN C 91 2.42 -20.03 11.59
C GLN C 91 3.68 -20.24 10.77
N GLY C 92 4.33 -19.14 10.38
CA GLY C 92 5.52 -19.24 9.54
C GLY C 92 6.84 -18.79 10.14
N GLY C 93 6.79 -18.05 11.24
CA GLY C 93 8.04 -17.64 11.82
C GLY C 93 8.84 -16.76 10.88
N VAL C 94 10.11 -16.59 11.19
CA VAL C 94 10.94 -15.76 10.36
C VAL C 94 12.26 -16.43 10.06
N LEU C 95 13.00 -15.84 9.13
CA LEU C 95 14.28 -16.40 8.75
C LEU C 95 15.25 -16.23 9.88
N PRO C 96 16.04 -17.26 10.20
CA PRO C 96 16.99 -17.10 11.30
C PRO C 96 17.90 -16.00 10.80
N ASN C 97 18.21 -15.03 11.64
CA ASN C 97 19.07 -13.94 11.20
C ASN C 97 19.32 -13.00 12.33
N ILE C 98 20.55 -13.00 12.82
CA ILE C 98 20.93 -12.12 13.92
C ILE C 98 21.91 -11.13 13.36
N GLN C 99 21.73 -9.86 13.72
CA GLN C 99 22.61 -8.82 13.23
C GLN C 99 24.04 -9.12 13.58
N SER C 100 24.97 -8.68 12.74
CA SER C 100 26.38 -8.93 12.97
C SER C 100 26.90 -8.33 14.29
N VAL C 101 26.67 -7.03 14.47
CA VAL C 101 27.12 -6.31 15.66
C VAL C 101 26.62 -6.85 16.99
N LEU C 102 25.83 -7.92 16.99
CA LEU C 102 25.31 -8.47 18.25
C LEU C 102 26.04 -9.71 18.73
N LEU C 103 26.89 -10.25 17.86
CA LEU C 103 27.68 -11.45 18.17
C LEU C 103 28.81 -11.14 19.12
N PRO C 104 29.05 -12.05 20.10
CA PRO C 104 30.11 -11.88 21.09
C PRO C 104 31.49 -11.94 20.48
N LYS C 105 32.49 -11.93 21.35
CA LYS C 105 33.88 -12.06 20.93
C LYS C 105 34.31 -11.11 19.80
N LYS C 106 35.58 -11.21 19.43
CA LYS C 106 36.17 -10.34 18.41
C LYS C 106 36.97 -11.09 17.34
N THR C 107 37.12 -10.45 16.17
CA THR C 107 37.88 -11.02 15.05
C THR C 107 37.03 -11.98 14.23
N ARG D 1 -21.43 -25.64 -0.42
CA ARG D 1 -20.08 -26.20 -0.79
C ARG D 1 -19.09 -25.09 -1.13
N LYS D 2 -17.88 -25.20 -0.59
CA LYS D 2 -16.85 -24.20 -0.84
C LYS D 2 -15.71 -24.77 -1.68
N GLU D 3 -15.50 -24.20 -2.86
CA GLU D 3 -14.44 -24.65 -3.75
C GLU D 3 -13.06 -24.22 -3.27
N SER D 4 -12.03 -24.94 -3.70
CA SER D 4 -10.67 -24.59 -3.33
C SER D 4 -9.81 -25.16 -4.41
N TYR D 5 -8.63 -24.63 -4.61
CA TYR D 5 -7.74 -25.14 -5.63
C TYR D 5 -6.93 -26.29 -5.09
N ALA D 6 -7.28 -26.74 -3.89
CA ALA D 6 -6.56 -27.82 -3.23
C ALA D 6 -6.15 -29.03 -4.07
N ILE D 7 -7.08 -29.66 -4.79
CA ILE D 7 -6.73 -30.84 -5.58
C ILE D 7 -5.76 -30.50 -6.69
N TYR D 8 -5.84 -29.29 -7.21
CA TYR D 8 -4.97 -28.88 -8.29
C TYR D 8 -3.58 -28.64 -7.77
N VAL D 9 -3.46 -27.98 -6.63
CA VAL D 9 -2.14 -27.74 -6.04
C VAL D 9 -1.53 -29.11 -5.78
N TYR D 10 -2.30 -30.01 -5.19
CA TYR D 10 -1.80 -31.33 -4.92
C TYR D 10 -1.25 -32.02 -6.18
N LYS D 11 -2.00 -31.97 -7.26
CA LYS D 11 -1.57 -32.60 -8.51
C LYS D 11 -0.19 -32.10 -8.90
N VAL D 12 -0.02 -30.78 -8.78
CA VAL D 12 1.24 -30.13 -9.12
C VAL D 12 2.34 -30.49 -8.14
N LEU D 13 1.96 -30.63 -6.87
CA LEU D 13 2.94 -30.96 -5.85
C LEU D 13 3.59 -32.27 -6.23
N LYS D 14 2.75 -33.23 -6.60
CA LYS D 14 3.26 -34.53 -7.00
C LYS D 14 4.14 -34.43 -8.25
N GLN D 15 4.01 -33.37 -9.03
CA GLN D 15 4.81 -33.28 -10.23
C GLN D 15 6.25 -32.86 -9.96
N VAL D 16 6.41 -31.98 -8.99
CA VAL D 16 7.73 -31.48 -8.63
C VAL D 16 8.47 -32.40 -7.68
N HIS D 17 7.70 -32.90 -6.69
CA HIS D 17 8.18 -33.81 -5.63
C HIS D 17 7.19 -34.96 -5.41
N PRO D 18 7.34 -36.04 -6.17
CA PRO D 18 6.47 -37.21 -6.11
C PRO D 18 6.29 -37.78 -4.72
N ASP D 19 7.28 -37.61 -3.88
CA ASP D 19 7.18 -38.16 -2.55
C ASP D 19 7.20 -37.13 -1.47
N THR D 20 6.29 -36.17 -1.58
CA THR D 20 6.18 -35.12 -0.60
C THR D 20 4.71 -34.82 -0.42
N GLY D 21 4.31 -34.56 0.82
CA GLY D 21 2.92 -34.28 1.10
C GLY D 21 2.75 -32.82 1.41
N ILE D 22 1.72 -32.46 2.17
CA ILE D 22 1.47 -31.06 2.51
C ILE D 22 0.33 -31.08 3.50
N SER D 23 0.54 -30.49 4.67
CA SER D 23 -0.50 -30.50 5.71
C SER D 23 -1.64 -29.61 5.29
N SER D 24 -2.80 -29.77 5.93
CA SER D 24 -3.97 -29.00 5.57
C SER D 24 -3.74 -27.55 5.91
N LYS D 25 -2.83 -27.27 6.82
CA LYS D 25 -2.57 -25.88 7.13
C LYS D 25 -1.79 -25.23 5.99
N ALA D 26 -0.85 -25.95 5.43
CA ALA D 26 -0.07 -25.41 4.33
C ALA D 26 -0.96 -25.26 3.12
N MET D 27 -1.76 -26.29 2.83
CA MET D 27 -2.66 -26.24 1.68
C MET D 27 -3.51 -25.02 1.79
N SER D 28 -3.95 -24.70 2.99
CA SER D 28 -4.78 -23.52 3.10
C SER D 28 -4.01 -22.31 2.60
N ILE D 29 -2.78 -22.14 3.08
CA ILE D 29 -1.96 -21.04 2.64
C ILE D 29 -1.80 -21.03 1.12
N MET D 30 -1.54 -22.18 0.53
CA MET D 30 -1.42 -22.22 -0.90
C MET D 30 -2.70 -21.74 -1.52
N ASN D 31 -3.82 -22.07 -0.89
CA ASN D 31 -5.07 -21.66 -1.44
C ASN D 31 -5.16 -20.17 -1.41
N SER D 32 -4.75 -19.55 -0.31
CA SER D 32 -4.81 -18.09 -0.25
C SER D 32 -3.87 -17.48 -1.25
N PHE D 33 -2.84 -18.23 -1.63
CA PHE D 33 -1.85 -17.76 -2.60
C PHE D 33 -2.37 -17.75 -4.02
N VAL D 34 -2.99 -18.84 -4.45
CA VAL D 34 -3.55 -18.87 -5.78
C VAL D 34 -4.59 -17.75 -5.85
N ASN D 35 -5.51 -17.73 -4.89
CA ASN D 35 -6.56 -16.71 -4.86
C ASN D 35 -6.01 -15.30 -4.82
N ASP D 36 -5.04 -15.05 -3.96
CA ASP D 36 -4.53 -13.71 -3.89
C ASP D 36 -3.91 -13.30 -5.21
N VAL D 37 -3.08 -14.16 -5.80
CA VAL D 37 -2.44 -13.84 -7.08
C VAL D 37 -3.45 -13.66 -8.18
N PHE D 38 -4.55 -14.42 -8.12
CA PHE D 38 -5.62 -14.35 -9.11
C PHE D 38 -6.25 -12.95 -9.14
N GLU D 39 -6.71 -12.49 -7.99
CA GLU D 39 -7.34 -11.19 -7.89
C GLU D 39 -6.41 -10.12 -8.37
N ARG D 40 -5.18 -10.18 -7.88
CA ARG D 40 -4.21 -9.19 -8.25
C ARG D 40 -4.05 -9.01 -9.75
N ILE D 41 -3.96 -10.12 -10.47
CA ILE D 41 -3.77 -10.02 -11.91
C ILE D 41 -5.03 -9.59 -12.62
N ALA D 42 -6.15 -10.22 -12.27
CA ALA D 42 -7.41 -9.90 -12.89
C ALA D 42 -7.67 -8.43 -12.68
N GLY D 43 -7.38 -7.98 -11.47
CA GLY D 43 -7.56 -6.58 -11.15
C GLY D 43 -6.75 -5.69 -12.07
N GLU D 44 -5.43 -5.79 -11.97
CA GLU D 44 -4.55 -5.03 -12.83
C GLU D 44 -5.01 -5.11 -14.29
N ALA D 45 -5.61 -6.22 -14.63
CA ALA D 45 -6.08 -6.41 -16.00
C ALA D 45 -7.40 -5.70 -16.20
N SER D 46 -8.16 -5.58 -15.13
CA SER D 46 -9.41 -4.84 -15.19
C SER D 46 -9.07 -3.41 -15.51
N ARG D 47 -8.17 -2.85 -14.71
CA ARG D 47 -7.73 -1.47 -14.87
C ARG D 47 -7.07 -1.21 -16.20
N LEU D 48 -6.24 -2.13 -16.67
CA LEU D 48 -5.57 -1.99 -17.95
C LEU D 48 -6.63 -1.79 -19.05
N ALA D 49 -7.67 -2.60 -19.02
CA ALA D 49 -8.75 -2.50 -19.99
C ALA D 49 -9.47 -1.14 -19.99
N HIS D 50 -9.82 -0.61 -18.83
CA HIS D 50 -10.48 0.69 -18.83
C HIS D 50 -9.52 1.77 -19.30
N TYR D 51 -8.28 1.74 -18.85
CA TYR D 51 -7.29 2.73 -19.30
C TYR D 51 -7.25 2.83 -20.81
N ASN D 52 -7.72 1.80 -21.50
CA ASN D 52 -7.72 1.78 -22.97
C ASN D 52 -9.11 1.69 -23.59
N LYS D 53 -10.13 2.01 -22.79
CA LYS D 53 -11.49 1.96 -23.28
C LYS D 53 -11.85 0.62 -23.96
N ARG D 54 -11.41 -0.49 -23.35
CA ARG D 54 -11.62 -1.85 -23.80
C ARG D 54 -12.78 -2.63 -22.94
N SER D 55 -13.62 -3.54 -23.56
CA SER D 55 -14.77 -4.37 -22.94
C SER D 55 -14.50 -5.86 -22.72
N THR D 56 -13.29 -6.29 -23.06
CA THR D 56 -12.94 -7.66 -22.86
C THR D 56 -11.48 -7.78 -22.62
N ILE D 57 -11.22 -8.45 -21.50
CA ILE D 57 -9.92 -8.74 -21.00
C ILE D 57 -9.54 -9.94 -21.80
N THR D 58 -8.46 -9.85 -22.56
CA THR D 58 -8.05 -11.01 -23.32
C THR D 58 -6.74 -11.44 -22.76
N SER D 59 -6.15 -12.46 -23.37
CA SER D 59 -4.85 -12.95 -22.92
C SER D 59 -3.80 -11.87 -23.02
N ARG D 60 -4.07 -10.83 -23.79
CA ARG D 60 -3.10 -9.78 -23.96
C ARG D 60 -3.08 -8.87 -22.73
N GLU D 61 -4.24 -8.67 -22.14
CA GLU D 61 -4.32 -7.83 -20.95
C GLU D 61 -3.65 -8.60 -19.85
N ILE D 62 -4.17 -9.81 -19.61
CA ILE D 62 -3.63 -10.68 -18.60
C ILE D 62 -2.11 -10.65 -18.56
N GLN D 63 -1.49 -10.76 -19.74
CA GLN D 63 -0.03 -10.76 -19.84
C GLN D 63 0.58 -9.47 -19.28
N THR D 64 0.38 -8.37 -19.97
CA THR D 64 0.88 -7.09 -19.49
C THR D 64 0.62 -7.00 -18.00
N ALA D 65 -0.58 -7.39 -17.60
CA ALA D 65 -0.96 -7.38 -16.20
C ALA D 65 0.05 -8.18 -15.38
N VAL D 66 0.54 -9.26 -15.96
CA VAL D 66 1.50 -10.14 -15.31
C VAL D 66 2.92 -9.58 -15.33
N ARG D 67 3.23 -8.78 -16.35
CA ARG D 67 4.57 -8.17 -16.47
C ARG D 67 4.73 -6.97 -15.54
N LEU D 68 3.60 -6.38 -15.15
CA LEU D 68 3.55 -5.24 -14.26
C LEU D 68 3.52 -5.66 -12.81
N LEU D 69 2.96 -6.84 -12.56
CA LEU D 69 2.79 -7.36 -11.21
C LEU D 69 3.92 -8.23 -10.64
N LEU D 70 4.43 -9.14 -11.46
CA LEU D 70 5.49 -10.03 -11.02
C LEU D 70 6.86 -9.42 -11.23
N PRO D 71 7.84 -9.91 -10.51
CA PRO D 71 9.24 -9.45 -10.60
C PRO D 71 9.98 -10.10 -11.77
N GLY D 72 11.18 -9.57 -12.01
CA GLY D 72 12.03 -9.99 -13.10
C GLY D 72 11.76 -11.32 -13.78
N GLU D 73 12.68 -12.24 -13.60
CA GLU D 73 12.66 -13.53 -14.24
C GLU D 73 11.31 -14.21 -14.04
N LEU D 74 10.66 -13.98 -12.91
CA LEU D 74 9.37 -14.60 -12.68
C LEU D 74 8.36 -14.18 -13.75
N ALA D 75 8.39 -12.90 -14.10
CA ALA D 75 7.49 -12.39 -15.13
C ALA D 75 7.77 -13.21 -16.37
N LYS D 76 9.02 -13.21 -16.79
CA LYS D 76 9.46 -13.94 -17.97
C LYS D 76 9.04 -15.41 -18.05
N HIS D 77 9.35 -16.22 -17.05
CA HIS D 77 8.94 -17.60 -17.15
C HIS D 77 7.43 -17.76 -16.99
N ALA D 78 6.74 -16.72 -16.51
CA ALA D 78 5.28 -16.78 -16.36
C ALA D 78 4.67 -16.47 -17.70
N VAL D 79 5.25 -15.49 -18.37
CA VAL D 79 4.81 -15.05 -19.69
C VAL D 79 4.95 -16.18 -20.69
N SER D 80 6.00 -16.98 -20.56
CA SER D 80 6.20 -18.09 -21.46
C SER D 80 5.14 -19.15 -21.26
N GLU D 81 4.97 -19.61 -20.03
CA GLU D 81 3.95 -20.61 -19.77
C GLU D 81 2.61 -20.06 -20.19
N GLY D 82 2.50 -18.74 -20.11
CA GLY D 82 1.27 -18.09 -20.51
C GLY D 82 1.13 -18.32 -21.99
N THR D 83 1.98 -17.66 -22.75
CA THR D 83 1.97 -17.80 -24.19
C THR D 83 1.81 -19.25 -24.64
N LYS D 84 2.59 -20.14 -24.06
CA LYS D 84 2.56 -21.56 -24.42
C LYS D 84 1.24 -22.33 -24.14
N ALA D 85 0.50 -21.97 -23.10
CA ALA D 85 -0.75 -22.67 -22.84
C ALA D 85 -1.80 -22.18 -23.82
N VAL D 86 -1.65 -20.93 -24.24
CA VAL D 86 -2.58 -20.33 -25.18
C VAL D 86 -2.33 -20.91 -26.55
N THR D 87 -1.13 -20.69 -27.07
CA THR D 87 -0.77 -21.21 -28.37
C THR D 87 -1.24 -22.65 -28.51
N LYS D 88 -0.99 -23.50 -27.51
CA LYS D 88 -1.44 -24.88 -27.59
C LYS D 88 -2.97 -24.98 -27.61
N TYR D 89 -3.63 -24.24 -26.74
CA TYR D 89 -5.08 -24.27 -26.71
C TYR D 89 -5.59 -23.88 -28.06
N THR D 90 -5.09 -22.77 -28.57
CA THR D 90 -5.49 -22.23 -29.86
C THR D 90 -5.40 -23.20 -31.05
N SER D 91 -4.55 -24.22 -30.98
CA SER D 91 -4.45 -25.15 -32.10
C SER D 91 -5.27 -26.41 -31.84
N ALA D 92 -5.96 -26.42 -30.72
CA ALA D 92 -6.77 -27.58 -30.32
C ALA D 92 -8.24 -27.31 -30.57
N LYS D 93 -8.66 -27.40 -31.82
CA LYS D 93 -10.05 -27.10 -32.19
C LYS D 93 -10.32 -27.40 -33.67
N PRO E 1 30.37 -20.17 41.35
CA PRO E 1 29.57 -19.47 40.32
C PRO E 1 29.66 -19.99 38.88
N HIS E 2 28.61 -20.67 38.42
CA HIS E 2 28.53 -21.02 37.02
C HIS E 2 27.33 -20.17 36.66
N ARG E 3 27.62 -19.00 36.11
CA ARG E 3 26.58 -18.06 35.72
C ARG E 3 26.94 -17.50 34.35
N TYR E 4 26.01 -17.61 33.43
CA TYR E 4 26.24 -17.13 32.08
C TYR E 4 26.31 -15.63 32.09
N ARG E 5 27.24 -15.08 31.32
CA ARG E 5 27.38 -13.64 31.25
C ARG E 5 26.16 -13.10 30.49
N PRO E 6 25.73 -11.86 30.80
CA PRO E 6 24.59 -11.26 30.12
C PRO E 6 24.86 -10.97 28.65
N GLY E 7 24.05 -11.60 27.80
CA GLY E 7 24.20 -11.45 26.36
C GLY E 7 24.30 -12.84 25.77
N THR E 8 24.61 -13.80 26.64
CA THR E 8 24.74 -15.20 26.22
C THR E 8 23.43 -15.94 26.31
N VAL E 9 22.55 -15.51 27.19
CA VAL E 9 21.26 -16.16 27.28
C VAL E 9 20.38 -15.57 26.22
N ALA E 10 20.64 -14.30 25.92
CA ALA E 10 19.87 -13.57 24.90
C ALA E 10 20.06 -14.27 23.56
N LEU E 11 21.30 -14.30 23.07
CA LEU E 11 21.54 -14.94 21.81
C LEU E 11 20.97 -16.35 21.79
N ARG E 12 20.94 -17.00 22.95
CA ARG E 12 20.40 -18.36 22.96
C ARG E 12 18.92 -18.32 22.66
N GLU E 13 18.23 -17.32 23.20
CA GLU E 13 16.79 -17.14 22.97
C GLU E 13 16.50 -16.68 21.54
N ILE E 14 17.30 -15.74 21.04
CA ILE E 14 17.13 -15.27 19.69
C ILE E 14 17.10 -16.49 18.80
N ARG E 15 18.19 -17.24 18.76
CA ARG E 15 18.26 -18.44 17.93
C ARG E 15 17.04 -19.30 18.18
N ARG E 16 16.73 -19.54 19.44
CA ARG E 16 15.59 -20.39 19.77
C ARG E 16 14.26 -20.03 19.18
N TYR E 17 13.86 -18.79 19.36
CA TYR E 17 12.58 -18.32 18.89
C TYR E 17 12.49 -18.10 17.37
N GLN E 18 13.63 -17.82 16.75
CA GLN E 18 13.63 -17.61 15.32
C GLN E 18 13.54 -18.96 14.66
N GLU E 19 13.77 -20.03 15.41
CA GLU E 19 13.74 -21.35 14.83
C GLU E 19 12.35 -21.95 14.80
N SER E 20 11.46 -21.40 15.62
CA SER E 20 10.11 -21.91 15.70
C SER E 20 9.06 -20.91 15.26
N THR E 21 7.82 -21.41 15.18
CA THR E 21 6.66 -20.68 14.72
C THR E 21 5.54 -20.43 15.72
N GLU E 22 5.35 -21.35 16.66
CA GLU E 22 4.29 -21.22 17.64
C GLU E 22 4.12 -19.78 18.13
N LEU E 23 2.89 -19.43 18.49
CA LEU E 23 2.55 -18.09 18.97
C LEU E 23 3.20 -17.72 20.29
N LEU E 24 3.67 -16.49 20.41
CA LEU E 24 4.33 -16.08 21.63
C LEU E 24 3.47 -15.41 22.70
N ILE E 25 2.20 -15.18 22.41
CA ILE E 25 1.34 -14.52 23.38
C ILE E 25 0.34 -15.49 24.00
N ARG E 26 0.36 -15.56 25.32
CA ARG E 26 -0.59 -16.42 26.01
C ARG E 26 -1.95 -16.28 25.34
N LYS E 27 -2.51 -17.39 24.85
CA LYS E 27 -3.78 -17.35 24.12
C LYS E 27 -4.94 -16.67 24.83
N LEU E 28 -5.34 -17.20 25.97
CA LEU E 28 -6.47 -16.65 26.68
C LEU E 28 -6.39 -15.14 26.89
N PRO E 29 -5.29 -14.64 27.47
CA PRO E 29 -5.15 -13.21 27.70
C PRO E 29 -5.27 -12.37 26.44
N PHE E 30 -4.83 -12.92 25.31
CA PHE E 30 -4.91 -12.21 24.03
C PHE E 30 -6.37 -12.18 23.65
N GLN E 31 -7.03 -13.31 23.83
CA GLN E 31 -8.43 -13.36 23.52
C GLN E 31 -9.23 -12.33 24.31
N ARG E 32 -8.91 -12.11 25.59
CA ARG E 32 -9.69 -11.11 26.32
C ARG E 32 -9.40 -9.73 25.77
N LEU E 33 -8.17 -9.51 25.33
CA LEU E 33 -7.81 -8.21 24.84
C LEU E 33 -8.60 -7.93 23.62
N VAL E 34 -8.89 -8.97 22.84
CA VAL E 34 -9.66 -8.78 21.62
C VAL E 34 -11.06 -8.47 21.96
N ARG E 35 -11.62 -9.20 22.91
CA ARG E 35 -13.00 -8.94 23.27
C ARG E 35 -13.12 -7.64 24.02
N GLU E 36 -12.08 -7.25 24.74
CA GLU E 36 -12.17 -5.98 25.44
C GLU E 36 -12.21 -4.85 24.44
N ILE E 37 -11.24 -4.80 23.55
CA ILE E 37 -11.20 -3.70 22.60
C ILE E 37 -12.38 -3.69 21.66
N ALA E 38 -12.83 -4.85 21.21
CA ALA E 38 -13.96 -4.92 20.29
C ALA E 38 -15.23 -4.51 20.99
N GLN E 39 -15.44 -5.05 22.16
CA GLN E 39 -16.63 -4.70 22.87
C GLN E 39 -16.79 -3.18 22.97
N ASP E 40 -15.71 -2.42 23.20
CA ASP E 40 -15.92 -0.97 23.35
C ASP E 40 -16.20 -0.29 22.01
N PHE E 41 -16.33 -1.09 20.95
CA PHE E 41 -16.62 -0.55 19.63
C PHE E 41 -18.06 -0.85 19.33
N LYS E 42 -18.51 -2.04 19.69
CA LYS E 42 -19.90 -2.42 19.46
C LYS E 42 -20.13 -3.60 20.37
N THR E 43 -21.11 -3.46 21.25
CA THR E 43 -21.41 -4.51 22.23
C THR E 43 -22.21 -5.66 21.69
N ASP E 44 -22.18 -6.78 22.43
CA ASP E 44 -22.91 -8.00 22.04
C ASP E 44 -22.26 -8.73 20.87
N LEU E 45 -20.94 -8.75 20.82
CA LEU E 45 -20.25 -9.41 19.73
C LEU E 45 -19.80 -10.83 20.04
N ARG E 46 -19.67 -11.62 19.00
CA ARG E 46 -19.23 -12.99 19.14
C ARG E 46 -18.11 -13.23 18.14
N PHE E 47 -17.07 -13.94 18.55
CA PHE E 47 -15.96 -14.22 17.65
C PHE E 47 -15.79 -15.71 17.41
N GLN E 48 -15.71 -16.06 16.13
CA GLN E 48 -15.41 -17.41 15.74
C GLN E 48 -14.03 -17.68 16.28
N SER E 49 -13.82 -18.87 16.84
CA SER E 49 -12.52 -19.22 17.40
C SER E 49 -11.39 -18.94 16.40
N SER E 50 -11.70 -19.07 15.11
CA SER E 50 -10.70 -18.83 14.08
C SER E 50 -10.48 -17.35 13.81
N ALA E 51 -11.46 -16.54 14.18
CA ALA E 51 -11.32 -15.11 13.96
C ALA E 51 -10.26 -14.63 14.87
N VAL E 52 -10.36 -15.03 16.13
CA VAL E 52 -9.38 -14.58 17.11
C VAL E 52 -7.98 -15.08 16.81
N MET E 53 -7.88 -16.30 16.30
CA MET E 53 -6.56 -16.79 16.01
C MET E 53 -5.90 -15.91 14.97
N ALA E 54 -6.66 -15.47 13.98
CA ALA E 54 -6.12 -14.63 12.91
C ALA E 54 -5.64 -13.29 13.42
N LEU E 55 -6.40 -12.68 14.30
CA LEU E 55 -6.00 -11.42 14.89
C LEU E 55 -4.66 -11.58 15.63
N GLN E 56 -4.41 -12.76 16.19
CA GLN E 56 -3.15 -12.99 16.90
C GLN E 56 -2.05 -13.13 15.88
N GLU E 57 -2.09 -14.22 15.12
CA GLU E 57 -1.12 -14.45 14.07
C GLU E 57 -0.70 -13.14 13.43
N ALA E 58 -1.69 -12.28 13.16
CA ALA E 58 -1.45 -11.01 12.49
C ALA E 58 -0.81 -10.00 13.37
N SER E 59 -1.23 -9.92 14.63
CA SER E 59 -0.64 -8.96 15.55
C SER E 59 0.81 -9.34 15.89
N GLU E 60 1.01 -10.62 16.18
CA GLU E 60 2.34 -11.08 16.51
C GLU E 60 3.27 -10.85 15.33
N ALA E 61 2.81 -11.17 14.14
CA ALA E 61 3.62 -10.96 12.96
C ALA E 61 4.04 -9.51 12.85
N TYR E 62 3.09 -8.62 13.10
CA TYR E 62 3.36 -7.19 13.00
C TYR E 62 4.43 -6.79 13.96
N LEU E 63 4.14 -7.01 15.23
CA LEU E 63 5.06 -6.68 16.31
C LEU E 63 6.45 -7.21 16.05
N VAL E 64 6.54 -8.47 15.68
CA VAL E 64 7.80 -9.13 15.39
C VAL E 64 8.55 -8.33 14.33
N ALA E 65 7.86 -7.98 13.27
CA ALA E 65 8.52 -7.22 12.23
C ALA E 65 8.78 -5.78 12.71
N LEU E 66 8.02 -5.32 13.70
CA LEU E 66 8.21 -3.98 14.23
C LEU E 66 9.50 -3.89 15.01
N PHE E 67 9.82 -4.96 15.75
CA PHE E 67 11.04 -4.98 16.51
C PHE E 67 12.22 -4.98 15.57
N GLU E 68 12.24 -5.87 14.58
CA GLU E 68 13.37 -5.88 13.67
C GLU E 68 13.74 -4.45 13.25
N ASP E 69 12.76 -3.66 12.82
CA ASP E 69 13.04 -2.30 12.37
C ASP E 69 13.49 -1.47 13.56
N THR E 70 12.95 -1.78 14.73
CA THR E 70 13.34 -1.06 15.94
C THR E 70 14.81 -1.42 16.19
N ASN E 71 15.07 -2.71 16.37
CA ASN E 71 16.41 -3.21 16.62
C ASN E 71 17.41 -2.56 15.65
N LEU E 72 17.02 -2.44 14.37
CA LEU E 72 17.90 -1.84 13.37
C LEU E 72 18.15 -0.41 13.72
N CYS E 73 17.13 0.21 14.28
CA CYS E 73 17.18 1.60 14.67
C CYS E 73 18.05 1.96 15.87
N ALA E 74 18.28 0.98 16.75
CA ALA E 74 19.11 1.21 17.94
C ALA E 74 20.54 0.96 17.51
N ILE E 75 20.73 -0.13 16.80
CA ILE E 75 22.02 -0.47 16.27
C ILE E 75 22.55 0.77 15.54
N HIS E 76 21.65 1.54 14.95
CA HIS E 76 22.02 2.74 14.21
C HIS E 76 22.56 3.82 15.16
N ALA E 77 22.04 3.87 16.38
CA ALA E 77 22.51 4.86 17.34
C ALA E 77 23.71 4.28 18.06
N LYS E 78 24.16 3.11 17.59
CA LYS E 78 25.31 2.42 18.19
C LYS E 78 24.93 1.88 19.55
N ARG E 79 23.94 0.99 19.58
CA ARG E 79 23.49 0.41 20.84
C ARG E 79 23.07 -1.02 20.59
N VAL E 80 22.56 -1.67 21.62
CA VAL E 80 22.06 -3.04 21.51
C VAL E 80 20.80 -3.12 22.37
N THR E 81 20.57 -2.08 23.05
CA THR E 81 19.39 -1.92 23.89
C THR E 81 18.29 -1.18 23.16
N ILE E 82 17.21 -1.79 22.79
CA ILE E 82 16.19 -1.03 22.07
C ILE E 82 15.43 -0.16 23.06
N MET E 83 15.17 1.08 22.70
CA MET E 83 14.44 1.98 23.58
C MET E 83 13.21 2.52 22.89
N PRO E 84 12.27 3.10 23.66
CA PRO E 84 11.06 3.64 23.06
C PRO E 84 11.32 4.50 21.84
N LYS E 85 12.25 5.44 21.95
CA LYS E 85 12.50 6.31 20.81
C LYS E 85 12.81 5.54 19.56
N ASP E 86 13.27 4.30 19.71
CA ASP E 86 13.57 3.48 18.55
C ASP E 86 12.25 3.05 17.91
N ILE E 87 11.39 2.44 18.71
CA ILE E 87 10.09 2.01 18.22
C ILE E 87 9.46 3.22 17.57
N GLN E 88 9.60 4.36 18.22
CA GLN E 88 9.02 5.59 17.71
C GLN E 88 9.56 6.06 16.36
N LEU E 89 10.85 5.86 16.11
CA LEU E 89 11.42 6.29 14.84
C LEU E 89 10.93 5.41 13.74
N ALA E 90 10.91 4.11 14.01
CA ALA E 90 10.48 3.16 13.01
C ALA E 90 9.03 3.45 12.64
N ARG E 91 8.20 3.67 13.64
CA ARG E 91 6.81 3.95 13.37
C ARG E 91 6.66 5.22 12.53
N ARG E 92 7.50 6.22 12.81
CA ARG E 92 7.41 7.46 12.06
C ARG E 92 7.78 7.17 10.63
N ILE E 93 9.04 6.88 10.40
CA ILE E 93 9.51 6.56 9.05
C ILE E 93 8.52 5.69 8.28
N ARG E 94 7.97 4.67 8.93
CA ARG E 94 7.02 3.74 8.32
C ARG E 94 5.73 4.37 7.80
N GLY E 95 5.43 5.57 8.25
CA GLY E 95 4.21 6.19 7.82
C GLY E 95 3.08 5.85 8.77
N GLU E 96 3.44 5.46 9.99
CA GLU E 96 2.43 5.14 10.98
C GLU E 96 2.13 6.37 11.84
N ARG E 97 2.77 7.48 11.48
CA ARG E 97 2.60 8.78 12.15
C ARG E 97 3.72 9.78 11.75
N ALA E 98 4.28 9.56 10.56
CA ALA E 98 5.37 10.37 9.97
C ALA E 98 4.94 11.73 9.43
N LYS F 1 -19.91 -12.79 32.61
CA LYS F 1 -20.61 -11.84 33.50
C LYS F 1 -19.60 -10.96 34.21
N VAL F 2 -18.78 -10.25 33.43
CA VAL F 2 -17.78 -9.40 34.04
C VAL F 2 -17.39 -8.17 33.25
N LEU F 3 -16.11 -7.88 33.34
CA LEU F 3 -15.60 -6.63 32.85
C LEU F 3 -14.48 -6.57 31.82
N ARG F 4 -13.70 -5.50 31.94
CA ARG F 4 -12.66 -5.22 30.97
C ARG F 4 -11.43 -4.31 31.32
N ASP F 5 -10.25 -4.92 31.43
CA ASP F 5 -8.88 -4.20 31.41
C ASP F 5 -7.72 -5.11 31.07
N ASN F 6 -7.71 -5.36 29.82
CA ASN F 6 -6.93 -6.34 29.19
C ASN F 6 -5.46 -6.27 28.77
N ILE F 7 -4.92 -5.09 28.50
CA ILE F 7 -3.56 -5.01 28.05
C ILE F 7 -2.61 -4.95 29.21
N GLN F 8 -2.57 -6.01 29.98
CA GLN F 8 -1.52 -6.23 30.97
C GLN F 8 -1.38 -7.72 30.85
N GLY F 9 -2.32 -8.33 30.12
CA GLY F 9 -2.25 -9.74 29.85
C GLY F 9 -1.12 -9.90 28.88
N ILE F 10 -0.70 -8.79 28.29
CA ILE F 10 0.44 -8.78 27.40
C ILE F 10 1.63 -8.68 28.31
N THR F 11 1.99 -9.81 28.88
CA THR F 11 3.07 -9.90 29.82
C THR F 11 4.48 -9.49 29.35
N LYS F 12 5.30 -9.09 30.31
CA LYS F 12 6.69 -8.71 30.03
C LYS F 12 7.34 -9.91 29.34
N PRO F 13 7.17 -11.12 29.88
CA PRO F 13 7.76 -12.31 29.25
C PRO F 13 7.37 -12.49 27.80
N ALA F 14 6.10 -12.30 27.48
CA ALA F 14 5.69 -12.48 26.11
C ALA F 14 6.32 -11.39 25.26
N ILE F 15 6.31 -10.14 25.69
CA ILE F 15 6.93 -9.09 24.89
C ILE F 15 8.40 -9.35 24.67
N ARG F 16 9.06 -10.04 25.60
CA ARG F 16 10.48 -10.36 25.42
C ARG F 16 10.56 -11.27 24.19
N ARG F 17 9.86 -12.38 24.31
CA ARG F 17 9.81 -13.40 23.30
C ARG F 17 9.60 -12.88 21.89
N LEU F 18 8.77 -11.86 21.74
CA LEU F 18 8.51 -11.31 20.42
C LEU F 18 9.70 -10.47 19.98
N ALA F 19 10.37 -9.87 20.96
CA ALA F 19 11.54 -9.04 20.65
C ALA F 19 12.65 -9.95 20.15
N ARG F 20 12.69 -11.17 20.69
CA ARG F 20 13.70 -12.13 20.29
C ARG F 20 13.49 -12.54 18.83
N ARG F 21 12.28 -12.91 18.50
CA ARG F 21 12.01 -13.34 17.14
C ARG F 21 12.38 -12.22 16.20
N GLY F 22 12.46 -11.03 16.75
CA GLY F 22 12.84 -9.89 15.94
C GLY F 22 14.35 -9.70 15.89
N GLY F 23 15.07 -10.57 16.59
CA GLY F 23 16.51 -10.47 16.61
C GLY F 23 17.02 -9.45 17.62
N VAL F 24 16.24 -9.17 18.64
CA VAL F 24 16.62 -8.21 19.66
C VAL F 24 17.42 -8.87 20.77
N LYS F 25 18.47 -8.18 21.23
CA LYS F 25 19.32 -8.69 22.30
C LYS F 25 19.11 -8.04 23.64
N ARG F 26 19.02 -6.72 23.66
CA ARG F 26 18.84 -6.02 24.92
C ARG F 26 17.62 -5.14 24.91
N ILE F 27 16.79 -5.27 25.94
CA ILE F 27 15.56 -4.51 26.01
C ILE F 27 15.59 -3.43 27.08
N SER F 28 15.12 -2.23 26.73
CA SER F 28 15.03 -1.12 27.71
C SER F 28 13.86 -1.50 28.64
N GLY F 29 13.71 -0.82 29.77
CA GLY F 29 12.64 -1.18 30.66
C GLY F 29 11.33 -0.53 30.28
N LEU F 30 11.40 0.55 29.51
CA LEU F 30 10.20 1.25 29.10
C LEU F 30 9.59 0.68 27.82
N ILE F 31 10.20 -0.39 27.29
CA ILE F 31 9.72 -1.00 26.05
C ILE F 31 8.38 -1.63 26.27
N TYR F 32 8.27 -2.32 27.39
CA TYR F 32 7.03 -3.00 27.67
C TYR F 32 5.79 -2.10 27.53
N GLU F 33 5.72 -0.97 28.20
CA GLU F 33 4.52 -0.15 28.03
C GLU F 33 4.41 0.46 26.64
N GLU F 34 5.53 0.73 26.01
CA GLU F 34 5.45 1.31 24.69
C GLU F 34 4.85 0.26 23.78
N THR F 35 5.36 -0.97 23.85
CA THR F 35 4.84 -2.05 23.00
C THR F 35 3.32 -2.15 23.20
N ARG F 36 2.89 -2.43 24.44
CA ARG F 36 1.47 -2.55 24.73
C ARG F 36 0.70 -1.45 24.02
N GLY F 37 1.17 -0.22 24.15
CA GLY F 37 0.51 0.91 23.51
C GLY F 37 0.35 0.69 22.02
N VAL F 38 1.44 0.32 21.36
CA VAL F 38 1.45 0.08 19.94
C VAL F 38 0.50 -1.02 19.53
N LEU F 39 0.59 -2.15 20.22
CA LEU F 39 -0.27 -3.27 19.92
C LEU F 39 -1.75 -2.86 19.96
N LYS F 40 -2.16 -2.16 21.02
CA LYS F 40 -3.55 -1.74 21.16
C LYS F 40 -4.02 -0.97 19.97
N VAL F 41 -3.30 0.07 19.61
CA VAL F 41 -3.67 0.83 18.45
C VAL F 41 -3.86 -0.12 17.30
N PHE F 42 -2.88 -0.96 17.06
CA PHE F 42 -2.99 -1.92 15.98
C PHE F 42 -4.28 -2.74 16.09
N LEU F 43 -4.52 -3.35 17.24
CA LEU F 43 -5.73 -4.13 17.37
C LEU F 43 -6.96 -3.29 17.10
N GLU F 44 -7.01 -2.07 17.62
CA GLU F 44 -8.16 -1.20 17.40
C GLU F 44 -8.47 -0.98 15.93
N ASN F 45 -7.46 -0.69 15.13
CA ASN F 45 -7.70 -0.45 13.71
C ASN F 45 -8.25 -1.65 12.99
N VAL F 46 -7.65 -2.81 13.20
CA VAL F 46 -8.13 -4.03 12.56
C VAL F 46 -9.53 -4.41 13.06
N ILE F 47 -9.69 -4.52 14.37
CA ILE F 47 -10.98 -4.88 14.91
C ILE F 47 -12.03 -3.90 14.50
N ARG F 48 -11.65 -2.62 14.39
CA ARG F 48 -12.64 -1.61 14.00
C ARG F 48 -13.16 -1.96 12.62
N ASP F 49 -12.26 -2.14 11.67
CA ASP F 49 -12.70 -2.49 10.34
C ASP F 49 -13.29 -3.88 10.32
N ALA F 50 -12.72 -4.77 11.09
CA ALA F 50 -13.23 -6.11 11.13
C ALA F 50 -14.71 -6.05 11.46
N VAL F 51 -15.04 -5.42 12.58
CA VAL F 51 -16.43 -5.34 13.02
C VAL F 51 -17.32 -4.57 12.07
N THR F 52 -16.75 -3.69 11.28
CA THR F 52 -17.55 -2.95 10.31
C THR F 52 -18.12 -3.93 9.27
N TYR F 53 -17.27 -4.82 8.76
CA TYR F 53 -17.71 -5.82 7.80
C TYR F 53 -18.74 -6.70 8.45
N THR F 54 -18.64 -6.88 9.76
CA THR F 54 -19.59 -7.69 10.46
C THR F 54 -20.94 -7.00 10.47
N GLU F 55 -20.99 -5.82 11.07
CA GLU F 55 -22.24 -5.07 11.12
C GLU F 55 -22.87 -5.06 9.76
N HIS F 56 -22.11 -4.61 8.77
CA HIS F 56 -22.61 -4.50 7.40
C HIS F 56 -23.25 -5.73 6.80
N ALA F 57 -23.00 -6.90 7.37
CA ALA F 57 -23.60 -8.11 6.85
C ALA F 57 -24.72 -8.50 7.79
N LYS F 58 -24.99 -7.60 8.73
CA LYS F 58 -26.05 -7.79 9.71
C LYS F 58 -25.85 -9.09 10.46
N ARG F 59 -24.62 -9.31 10.93
CA ARG F 59 -24.31 -10.50 11.70
C ARG F 59 -23.91 -10.05 13.10
N LYS F 60 -23.88 -10.97 14.04
CA LYS F 60 -23.46 -10.64 15.39
C LYS F 60 -22.30 -11.55 15.77
N THR F 61 -21.57 -12.02 14.78
CA THR F 61 -20.47 -12.94 14.99
C THR F 61 -19.31 -12.59 14.05
N VAL F 62 -18.27 -11.94 14.60
CA VAL F 62 -17.09 -11.55 13.83
C VAL F 62 -16.46 -12.83 13.30
N THR F 63 -16.37 -12.98 11.99
CA THR F 63 -15.82 -14.19 11.39
C THR F 63 -14.35 -14.09 11.06
N ALA F 64 -13.77 -15.20 10.63
CA ALA F 64 -12.37 -15.24 10.26
C ALA F 64 -12.21 -14.33 9.07
N MET F 65 -13.08 -14.52 8.08
CA MET F 65 -13.04 -13.73 6.87
C MET F 65 -13.18 -12.24 7.11
N ASP F 66 -13.87 -11.86 8.19
CA ASP F 66 -14.02 -10.45 8.46
C ASP F 66 -12.65 -9.90 8.84
N VAL F 67 -11.95 -10.62 9.69
CA VAL F 67 -10.65 -10.16 10.08
C VAL F 67 -9.76 -10.14 8.85
N VAL F 68 -9.84 -11.18 8.03
CA VAL F 68 -9.01 -11.20 6.85
C VAL F 68 -9.24 -10.02 5.93
N TYR F 69 -10.49 -9.75 5.56
CA TYR F 69 -10.76 -8.62 4.68
C TYR F 69 -10.29 -7.32 5.31
N ALA F 70 -10.35 -7.28 6.64
CA ALA F 70 -9.93 -6.09 7.36
C ALA F 70 -8.42 -6.02 7.29
N LEU F 71 -7.78 -7.15 7.49
CA LEU F 71 -6.36 -7.14 7.42
C LEU F 71 -5.89 -6.78 6.03
N LYS F 72 -6.69 -7.05 5.00
CA LYS F 72 -6.27 -6.74 3.61
C LYS F 72 -6.37 -5.24 3.37
N ARG F 73 -7.45 -4.64 3.85
CA ARG F 73 -7.64 -3.23 3.68
C ARG F 73 -6.44 -2.45 4.21
N GLN F 74 -5.82 -2.96 5.26
CA GLN F 74 -4.68 -2.27 5.84
C GLN F 74 -3.31 -2.71 5.35
N GLY F 75 -3.29 -3.24 4.15
CA GLY F 75 -2.05 -3.64 3.55
C GLY F 75 -1.34 -4.78 4.23
N ARG F 76 -2.02 -5.52 5.09
CA ARG F 76 -1.43 -6.69 5.75
C ARG F 76 -2.25 -7.92 5.35
N THR F 77 -2.09 -8.39 4.12
CA THR F 77 -2.82 -9.56 3.68
C THR F 77 -2.34 -10.70 4.53
N LEU F 78 -3.27 -11.46 5.09
CA LEU F 78 -2.87 -12.57 5.92
C LEU F 78 -3.18 -13.82 5.16
N TYR F 79 -2.19 -14.69 5.14
CA TYR F 79 -2.37 -15.92 4.46
C TYR F 79 -2.87 -17.01 5.33
N GLY F 80 -4.00 -17.43 4.84
CA GLY F 80 -4.62 -18.62 5.33
C GLY F 80 -5.60 -18.97 6.39
N PHE F 81 -6.50 -18.11 6.82
CA PHE F 81 -7.55 -18.59 7.66
C PHE F 81 -8.63 -18.49 6.63
N GLY F 82 -8.26 -18.84 5.43
CA GLY F 82 -9.26 -18.94 4.40
C GLY F 82 -9.37 -17.88 3.31
N GLY F 83 -8.82 -18.24 2.15
CA GLY F 83 -8.70 -17.35 0.97
C GLY F 83 -9.88 -16.56 0.42
N ALA G 1 -38.61 18.73 -16.55
CA ALA G 1 -37.53 17.76 -16.30
C ALA G 1 -36.58 18.44 -15.33
N LYS G 2 -36.86 18.24 -14.07
CA LYS G 2 -36.15 18.89 -12.97
C LYS G 2 -35.63 17.76 -12.09
N THR G 3 -34.35 17.70 -12.39
CA THR G 3 -33.35 16.73 -12.11
C THR G 3 -33.10 15.76 -10.97
N ARG G 4 -31.93 15.14 -11.11
CA ARG G 4 -31.50 14.15 -10.16
C ARG G 4 -30.66 14.91 -9.18
N SER G 5 -29.77 15.74 -9.71
CA SER G 5 -28.92 16.54 -8.85
C SER G 5 -29.75 17.58 -8.07
N SER G 6 -30.55 18.36 -8.78
CA SER G 6 -31.36 19.36 -8.11
C SER G 6 -32.32 18.73 -7.15
N ARG G 7 -32.77 17.52 -7.46
CA ARG G 7 -33.71 16.82 -6.59
C ARG G 7 -33.09 16.45 -5.25
N ALA G 8 -31.86 15.94 -5.30
CA ALA G 8 -31.15 15.55 -4.10
C ALA G 8 -30.49 16.78 -3.47
N GLY G 9 -30.58 17.91 -4.17
CA GLY G 9 -30.02 19.17 -3.68
C GLY G 9 -28.51 19.23 -3.74
N LEU G 10 -27.93 18.81 -4.85
CA LEU G 10 -26.49 18.81 -4.98
C LEU G 10 -25.96 19.61 -6.17
N GLN G 11 -24.68 19.92 -6.15
CA GLN G 11 -23.99 20.66 -7.22
C GLN G 11 -23.25 19.66 -8.09
N PHE G 12 -23.07 18.46 -7.54
CA PHE G 12 -22.39 17.39 -8.24
C PHE G 12 -23.40 16.54 -9.03
N PRO G 13 -23.06 16.22 -10.29
CA PRO G 13 -23.85 15.43 -11.25
C PRO G 13 -24.27 14.02 -10.82
N VAL G 14 -25.46 13.90 -10.25
CA VAL G 14 -25.95 12.60 -9.83
C VAL G 14 -26.07 11.67 -11.01
N GLY G 15 -26.40 12.22 -12.16
CA GLY G 15 -26.53 11.38 -13.33
C GLY G 15 -25.18 10.90 -13.82
N ARG G 16 -24.19 11.78 -13.77
CA ARG G 16 -22.85 11.44 -14.23
C ARG G 16 -22.18 10.44 -13.31
N VAL G 17 -22.42 10.62 -12.02
CA VAL G 17 -21.86 9.70 -11.05
C VAL G 17 -22.46 8.32 -11.27
N HIS G 18 -23.77 8.27 -11.51
CA HIS G 18 -24.44 6.99 -11.75
C HIS G 18 -23.92 6.36 -13.06
N ARG G 19 -23.60 7.16 -14.08
CA ARG G 19 -23.09 6.57 -15.33
C ARG G 19 -21.67 6.10 -15.17
N LEU G 20 -20.95 6.70 -14.24
CA LEU G 20 -19.58 6.32 -14.02
C LEU G 20 -19.55 5.03 -13.22
N LEU G 21 -20.53 4.86 -12.32
CA LEU G 21 -20.59 3.67 -11.51
C LEU G 21 -20.88 2.47 -12.35
N ARG G 22 -21.87 2.54 -13.23
CA ARG G 22 -22.18 1.38 -14.06
C ARG G 22 -20.99 0.95 -14.90
N LYS G 23 -20.48 1.92 -15.65
CA LYS G 23 -19.39 1.69 -16.58
C LYS G 23 -18.01 1.45 -16.00
N GLY G 24 -17.93 1.30 -14.69
CA GLY G 24 -16.62 1.05 -14.09
C GLY G 24 -16.47 -0.41 -13.71
N ASN G 25 -17.55 -1.14 -13.90
CA ASN G 25 -17.62 -2.56 -13.58
C ASN G 25 -17.40 -2.86 -12.11
N TYR G 26 -18.08 -2.09 -11.26
CA TYR G 26 -18.01 -2.26 -9.83
C TYR G 26 -19.10 -3.20 -9.33
N ALA G 27 -20.06 -3.54 -10.17
CA ALA G 27 -21.11 -4.44 -9.76
C ALA G 27 -22.07 -4.68 -10.88
N GLU G 28 -22.88 -5.73 -10.76
CA GLU G 28 -23.85 -6.05 -11.82
C GLU G 28 -25.03 -4.98 -11.73
N ARG G 29 -25.57 -4.66 -10.52
CA ARG G 29 -26.65 -3.66 -10.44
C ARG G 29 -26.23 -2.45 -9.60
N VAL G 30 -26.74 -1.27 -9.95
CA VAL G 30 -26.45 -0.06 -9.19
C VAL G 30 -27.69 0.61 -8.74
N GLY G 31 -28.03 0.33 -7.49
CA GLY G 31 -29.20 0.94 -6.95
C GLY G 31 -29.19 2.40 -7.29
N ALA G 32 -30.34 3.02 -7.15
CA ALA G 32 -30.45 4.44 -7.46
C ALA G 32 -29.85 5.15 -6.22
N GLY G 33 -29.89 4.49 -5.03
CA GLY G 33 -29.34 5.21 -3.81
C GLY G 33 -27.87 5.35 -3.65
N ALA G 34 -27.22 4.79 -4.62
CA ALA G 34 -25.81 4.83 -4.52
C ALA G 34 -25.21 6.11 -5.10
N PRO G 35 -25.47 6.43 -6.38
CA PRO G 35 -24.87 7.64 -6.93
C PRO G 35 -25.18 8.90 -6.14
N VAL G 36 -26.42 9.04 -5.69
CA VAL G 36 -26.83 10.21 -4.92
C VAL G 36 -25.93 10.43 -3.71
N TYR G 37 -25.91 9.41 -2.86
CA TYR G 37 -25.12 9.39 -1.63
C TYR G 37 -23.70 9.76 -1.96
N LEU G 38 -23.12 8.92 -2.81
CA LEU G 38 -21.77 9.06 -3.28
C LEU G 38 -21.54 10.47 -3.83
N ALA G 39 -22.44 10.92 -4.68
CA ALA G 39 -22.32 12.26 -5.24
C ALA G 39 -22.25 13.26 -4.11
N ALA G 40 -23.19 13.14 -3.18
CA ALA G 40 -23.25 14.04 -2.03
C ALA G 40 -21.94 14.01 -1.23
N VAL G 41 -21.37 12.82 -1.14
CA VAL G 41 -20.14 12.63 -0.39
C VAL G 41 -18.99 13.26 -1.10
N LEU G 42 -19.00 13.23 -2.43
CA LEU G 42 -17.90 13.83 -3.20
C LEU G 42 -17.96 15.35 -3.11
N GLU G 43 -19.17 15.88 -3.11
CA GLU G 43 -19.33 17.32 -3.03
C GLU G 43 -18.82 17.77 -1.67
N TYR G 44 -19.40 17.24 -0.62
CA TYR G 44 -18.99 17.60 0.73
C TYR G 44 -17.47 17.67 0.87
N LEU G 45 -16.78 16.58 0.53
CA LEU G 45 -15.33 16.52 0.60
C LEU G 45 -14.64 17.61 -0.21
N THR G 46 -15.22 17.93 -1.36
CA THR G 46 -14.63 18.96 -2.20
C THR G 46 -14.88 20.32 -1.58
N ALA G 47 -16.00 20.46 -0.90
CA ALA G 47 -16.31 21.73 -0.25
C ALA G 47 -15.28 21.85 0.86
N GLU G 48 -15.11 20.74 1.58
CA GLU G 48 -14.18 20.70 2.68
C GLU G 48 -12.77 21.17 2.34
N ILE G 49 -12.18 20.67 1.26
CA ILE G 49 -10.84 21.11 0.90
C ILE G 49 -10.83 22.57 0.43
N LEU G 50 -11.79 22.95 -0.40
CA LEU G 50 -11.85 24.32 -0.90
C LEU G 50 -11.99 25.31 0.24
N GLU G 51 -12.74 24.93 1.25
CA GLU G 51 -12.92 25.78 2.40
C GLU G 51 -11.54 26.12 2.96
N LEU G 52 -10.78 25.08 3.33
CA LEU G 52 -9.44 25.21 3.89
C LEU G 52 -8.44 25.83 2.93
N ALA G 53 -8.57 25.52 1.65
CA ALA G 53 -7.66 26.08 0.65
C ALA G 53 -8.05 27.53 0.42
N GLY G 54 -9.33 27.82 0.57
CA GLY G 54 -9.80 29.19 0.40
C GLY G 54 -9.20 30.07 1.47
N ASN G 55 -9.11 29.54 2.69
CA ASN G 55 -8.56 30.27 3.82
C ASN G 55 -7.08 30.44 3.62
N ALA G 56 -6.40 29.33 3.33
CA ALA G 56 -4.96 29.36 3.12
C ALA G 56 -4.53 30.53 2.24
N ALA G 57 -5.24 30.75 1.15
CA ALA G 57 -4.93 31.84 0.23
C ALA G 57 -5.18 33.20 0.87
N ARG G 58 -6.29 33.32 1.59
CA ARG G 58 -6.58 34.58 2.24
C ARG G 58 -5.36 34.92 3.10
N ASP G 59 -4.92 33.93 3.89
CA ASP G 59 -3.79 34.12 4.78
C ASP G 59 -2.51 34.58 4.09
N ASN G 60 -2.51 34.56 2.77
CA ASN G 60 -1.32 34.99 2.05
C ASN G 60 -1.65 36.16 1.16
N LYS G 61 -2.77 36.82 1.48
CA LYS G 61 -3.22 37.98 0.74
C LYS G 61 -3.39 37.72 -0.75
N LYS G 62 -4.04 36.60 -1.08
CA LYS G 62 -4.29 36.22 -2.47
C LYS G 62 -5.73 35.76 -2.60
N THR G 63 -6.34 36.04 -3.74
CA THR G 63 -7.73 35.65 -3.95
C THR G 63 -7.91 34.38 -4.79
N ARG G 64 -6.84 33.91 -5.44
CA ARG G 64 -6.87 32.71 -6.29
C ARG G 64 -6.06 31.54 -5.76
N ILE G 65 -6.72 30.41 -5.58
CA ILE G 65 -6.11 29.21 -5.05
C ILE G 65 -5.21 28.51 -6.04
N ILE G 66 -4.03 28.12 -5.59
CA ILE G 66 -3.11 27.33 -6.41
C ILE G 66 -2.69 26.09 -5.64
N PRO G 67 -1.92 25.22 -6.30
CA PRO G 67 -1.43 24.00 -5.67
C PRO G 67 -0.92 24.32 -4.27
N ARG G 68 -0.04 25.31 -4.18
CA ARG G 68 0.56 25.68 -2.91
C ARG G 68 -0.46 25.81 -1.79
N HIS G 69 -1.62 26.35 -2.11
CA HIS G 69 -2.66 26.54 -1.12
C HIS G 69 -3.46 25.29 -0.76
N LEU G 70 -3.58 24.34 -1.69
CA LEU G 70 -4.30 23.10 -1.40
C LEU G 70 -3.43 22.22 -0.50
N GLN G 71 -2.13 22.26 -0.72
CA GLN G 71 -1.16 21.50 0.06
C GLN G 71 -1.08 22.00 1.53
N LEU G 72 -0.88 23.29 1.74
CA LEU G 72 -0.82 23.79 3.09
C LEU G 72 -2.14 23.53 3.81
N ALA G 73 -3.21 23.30 3.06
CA ALA G 73 -4.53 23.07 3.65
C ALA G 73 -4.77 21.61 3.97
N VAL G 74 -4.21 20.75 3.14
CA VAL G 74 -4.33 19.32 3.30
C VAL G 74 -3.33 18.76 4.34
N ARG G 75 -2.08 19.23 4.31
CA ARG G 75 -1.10 18.74 5.25
C ARG G 75 -1.21 19.38 6.64
N ASN G 76 -2.11 20.36 6.78
CA ASN G 76 -2.29 21.02 8.06
C ASN G 76 -3.55 20.58 8.76
N ASP G 77 -4.34 19.73 8.11
CA ASP G 77 -5.55 19.21 8.73
C ASP G 77 -5.18 17.77 9.05
N GLU G 78 -5.47 17.31 10.25
CA GLU G 78 -5.09 15.95 10.59
C GLU G 78 -5.77 14.93 9.72
N GLU G 79 -7.09 15.04 9.60
CA GLU G 79 -7.86 14.07 8.85
C GLU G 79 -7.58 13.95 7.36
N LEU G 80 -7.66 15.04 6.62
CA LEU G 80 -7.40 14.96 5.19
C LEU G 80 -6.01 14.41 4.93
N ASN G 81 -5.03 14.92 5.68
CA ASN G 81 -3.65 14.50 5.51
C ASN G 81 -3.54 13.00 5.58
N LYS G 82 -4.40 12.39 6.37
CA LYS G 82 -4.41 10.95 6.52
C LYS G 82 -5.05 10.39 5.25
N LEU G 83 -6.17 10.96 4.85
CA LEU G 83 -6.90 10.52 3.67
C LEU G 83 -6.08 10.61 2.39
N LEU G 84 -5.18 11.55 2.34
CA LEU G 84 -4.34 11.69 1.16
C LEU G 84 -2.92 11.45 1.62
N GLY G 85 -2.75 10.54 2.57
CA GLY G 85 -1.41 10.28 3.08
C GLY G 85 -0.37 9.81 2.08
N ARG G 86 -0.81 9.13 1.01
CA ARG G 86 0.15 8.63 0.05
C ARG G 86 0.04 9.37 -1.27
N VAL G 87 -0.62 10.51 -1.23
CA VAL G 87 -0.84 11.36 -2.40
C VAL G 87 0.11 12.54 -2.55
N THR G 88 0.55 12.80 -3.77
CA THR G 88 1.46 13.89 -4.01
C THR G 88 0.78 14.91 -4.90
N ILE G 89 0.54 16.09 -4.37
CA ILE G 89 -0.08 17.19 -5.10
C ILE G 89 1.03 17.98 -5.83
N ALA G 90 1.08 17.88 -7.15
CA ALA G 90 2.12 18.57 -7.92
C ALA G 90 2.20 20.06 -7.64
N GLN G 91 3.43 20.55 -7.49
CA GLN G 91 3.65 21.96 -7.22
C GLN G 91 3.04 22.37 -5.89
N GLY G 92 3.17 21.53 -4.87
CA GLY G 92 2.62 21.85 -3.57
C GLY G 92 3.65 22.19 -2.49
N GLY G 93 4.92 21.95 -2.77
CA GLY G 93 5.94 22.26 -1.79
C GLY G 93 5.74 21.48 -0.50
N VAL G 94 6.42 21.90 0.55
CA VAL G 94 6.33 21.22 1.84
C VAL G 94 6.06 22.22 2.94
N LEU G 95 5.48 21.76 4.06
CA LEU G 95 5.19 22.68 5.15
C LEU G 95 6.47 23.20 5.76
N PRO G 96 6.49 24.45 6.25
CA PRO G 96 7.71 24.99 6.86
C PRO G 96 7.96 24.27 8.16
N ASN G 97 9.14 23.67 8.29
CA ASN G 97 9.43 22.93 9.51
C ASN G 97 10.90 22.63 9.61
N ILE G 98 11.53 23.12 10.69
CA ILE G 98 12.95 22.89 10.94
C ILE G 98 13.11 22.19 12.28
N GLN G 99 13.73 21.01 12.27
CA GLN G 99 13.94 20.25 13.47
C GLN G 99 14.56 21.12 14.54
N SER G 100 13.90 21.23 15.70
CA SER G 100 14.41 22.07 16.77
C SER G 100 15.90 21.91 17.01
N VAL G 101 16.37 20.67 17.17
CA VAL G 101 17.79 20.44 17.43
C VAL G 101 18.68 20.83 16.25
N LEU G 102 18.19 21.71 15.39
CA LEU G 102 18.98 22.19 14.26
C LEU G 102 19.05 23.70 14.30
N LEU G 103 18.15 24.31 15.07
CA LEU G 103 18.14 25.76 15.20
C LEU G 103 19.43 26.22 15.91
N PRO G 104 19.74 27.53 15.86
CA PRO G 104 20.95 28.07 16.50
C PRO G 104 21.04 27.80 18.01
N LYS G 105 22.27 27.74 18.51
CA LYS G 105 22.53 27.47 19.92
C LYS G 105 21.91 28.48 20.88
N LYS G 106 21.76 29.73 20.42
CA LYS G 106 21.19 30.83 21.20
C LYS G 106 21.88 31.06 22.55
N ARG H 1 -15.27 13.87 -26.21
CA ARG H 1 -15.16 14.90 -25.14
C ARG H 1 -14.33 14.40 -23.95
N LYS H 2 -13.72 15.33 -23.22
CA LYS H 2 -12.89 14.99 -22.07
C LYS H 2 -13.56 15.46 -20.79
N GLU H 3 -14.49 14.65 -20.28
CA GLU H 3 -15.17 15.01 -19.05
C GLU H 3 -14.21 15.32 -17.91
N SER H 4 -14.73 16.01 -16.90
CA SER H 4 -13.97 16.28 -15.68
C SER H 4 -14.83 17.08 -14.72
N TYR H 5 -14.41 17.09 -13.46
CA TYR H 5 -15.18 17.73 -12.40
C TYR H 5 -14.97 19.23 -12.26
N ALA H 6 -14.15 19.80 -13.14
CA ALA H 6 -13.87 21.20 -13.15
C ALA H 6 -15.09 22.00 -12.72
N ILE H 7 -16.11 21.92 -13.57
CA ILE H 7 -17.30 22.74 -13.43
C ILE H 7 -18.22 22.58 -12.22
N TYR H 8 -18.09 21.46 -11.50
CA TYR H 8 -18.89 21.29 -10.31
C TYR H 8 -17.98 21.65 -9.17
N VAL H 9 -16.69 21.74 -9.46
CA VAL H 9 -15.77 22.13 -8.41
C VAL H 9 -15.91 23.63 -8.26
N TYR H 10 -16.19 24.33 -9.38
CA TYR H 10 -16.35 25.78 -9.35
C TYR H 10 -17.66 26.25 -8.70
N LYS H 11 -18.74 25.47 -8.84
CA LYS H 11 -20.04 25.83 -8.24
C LYS H 11 -20.00 25.73 -6.73
N VAL H 12 -19.21 24.79 -6.25
CA VAL H 12 -19.02 24.57 -4.83
C VAL H 12 -18.09 25.66 -4.34
N LEU H 13 -16.98 25.82 -5.05
CA LEU H 13 -15.98 26.83 -4.71
C LEU H 13 -16.67 28.15 -4.42
N LYS H 14 -17.72 28.44 -5.18
CA LYS H 14 -18.44 29.69 -5.00
C LYS H 14 -19.42 29.79 -3.83
N GLN H 15 -19.87 28.66 -3.28
CA GLN H 15 -20.78 28.69 -2.15
C GLN H 15 -19.99 28.86 -0.86
N VAL H 16 -18.75 28.39 -0.91
CA VAL H 16 -17.86 28.47 0.24
C VAL H 16 -17.16 29.82 0.29
N HIS H 17 -16.42 30.14 -0.75
CA HIS H 17 -15.70 31.41 -0.84
C HIS H 17 -16.07 32.16 -2.12
N PRO H 18 -17.28 32.71 -2.18
CA PRO H 18 -17.77 33.45 -3.35
C PRO H 18 -16.73 34.25 -4.10
N ASP H 19 -16.03 35.15 -3.39
CA ASP H 19 -15.02 36.04 -3.97
C ASP H 19 -13.68 35.43 -4.31
N THR H 20 -13.52 34.14 -4.03
CA THR H 20 -12.27 33.44 -4.26
C THR H 20 -12.23 32.71 -5.60
N GLY H 21 -11.03 32.57 -6.18
CA GLY H 21 -10.88 31.90 -7.46
C GLY H 21 -10.01 30.67 -7.41
N ILE H 22 -9.47 30.27 -8.56
CA ILE H 22 -8.64 29.09 -8.58
C ILE H 22 -7.98 28.94 -9.94
N SER H 23 -6.65 28.85 -9.97
CA SER H 23 -5.93 28.71 -11.24
C SER H 23 -6.20 27.38 -11.95
N SER H 24 -5.63 27.20 -13.12
CA SER H 24 -5.84 26.00 -13.90
C SER H 24 -5.26 24.80 -13.22
N LYS H 25 -3.95 24.82 -12.99
CA LYS H 25 -3.31 23.69 -12.35
C LYS H 25 -3.98 23.26 -11.03
N ALA H 26 -4.62 24.21 -10.35
CA ALA H 26 -5.28 23.90 -9.09
C ALA H 26 -6.61 23.17 -9.31
N MET H 27 -7.28 23.50 -10.40
CA MET H 27 -8.55 22.86 -10.73
C MET H 27 -8.22 21.45 -11.19
N SER H 28 -7.04 21.30 -11.76
CA SER H 28 -6.59 20.02 -12.21
C SER H 28 -6.39 19.13 -10.99
N ILE H 29 -5.90 19.70 -9.88
CA ILE H 29 -5.67 18.90 -8.68
C ILE H 29 -6.98 18.42 -8.08
N MET H 30 -7.96 19.31 -8.07
CA MET H 30 -9.26 18.99 -7.54
C MET H 30 -10.05 18.05 -8.45
N ASN H 31 -9.56 17.79 -9.64
CA ASN H 31 -10.30 16.90 -10.48
C ASN H 31 -9.71 15.55 -10.13
N SER H 32 -8.39 15.51 -9.99
CA SER H 32 -7.67 14.30 -9.66
C SER H 32 -8.17 13.80 -8.32
N PHE H 33 -8.49 14.72 -7.43
CA PHE H 33 -8.98 14.35 -6.10
C PHE H 33 -10.37 13.72 -6.13
N VAL H 34 -11.26 14.26 -6.95
CA VAL H 34 -12.62 13.74 -7.01
C VAL H 34 -12.62 12.40 -7.69
N ASN H 35 -11.61 12.15 -8.50
CA ASN H 35 -11.52 10.87 -9.14
C ASN H 35 -10.91 9.88 -8.16
N ASP H 36 -9.91 10.32 -7.40
CA ASP H 36 -9.28 9.43 -6.45
C ASP H 36 -10.33 8.95 -5.45
N VAL H 37 -11.02 9.88 -4.81
CA VAL H 37 -12.03 9.50 -3.85
C VAL H 37 -13.15 8.71 -4.48
N PHE H 38 -13.43 8.96 -5.76
CA PHE H 38 -14.48 8.24 -6.45
C PHE H 38 -14.06 6.78 -6.55
N GLU H 39 -12.95 6.54 -7.26
CA GLU H 39 -12.43 5.18 -7.45
C GLU H 39 -12.22 4.45 -6.14
N ARG H 40 -11.74 5.15 -5.12
CA ARG H 40 -11.52 4.49 -3.85
C ARG H 40 -12.84 4.01 -3.27
N ILE H 41 -13.77 4.93 -3.07
CA ILE H 41 -15.06 4.57 -2.49
C ILE H 41 -15.77 3.57 -3.33
N ALA H 42 -15.69 3.75 -4.64
CA ALA H 42 -16.34 2.81 -5.52
C ALA H 42 -15.84 1.41 -5.23
N GLY H 43 -14.56 1.21 -5.47
CA GLY H 43 -13.93 -0.08 -5.24
C GLY H 43 -14.33 -0.79 -3.96
N GLU H 44 -14.15 -0.15 -2.82
CA GLU H 44 -14.50 -0.76 -1.53
C GLU H 44 -15.98 -1.11 -1.47
N ALA H 45 -16.80 -0.33 -2.16
CA ALA H 45 -18.23 -0.58 -2.20
C ALA H 45 -18.41 -1.79 -3.08
N SER H 46 -17.56 -1.93 -4.08
CA SER H 46 -17.64 -3.10 -4.95
C SER H 46 -17.38 -4.35 -4.11
N ARG H 47 -16.20 -4.41 -3.47
CA ARG H 47 -15.80 -5.54 -2.62
C ARG H 47 -16.90 -5.85 -1.64
N LEU H 48 -17.33 -4.82 -0.93
CA LEU H 48 -18.38 -5.00 0.06
C LEU H 48 -19.55 -5.81 -0.51
N ALA H 49 -19.77 -5.72 -1.81
CA ALA H 49 -20.84 -6.46 -2.44
C ALA H 49 -20.34 -7.89 -2.52
N HIS H 50 -19.32 -8.09 -3.35
CA HIS H 50 -18.74 -9.42 -3.55
C HIS H 50 -18.56 -10.27 -2.31
N TYR H 51 -18.02 -9.71 -1.22
CA TYR H 51 -17.82 -10.51 -0.01
C TYR H 51 -19.12 -11.09 0.42
N ASN H 52 -20.15 -10.24 0.40
CA ASN H 52 -21.48 -10.63 0.80
C ASN H 52 -22.32 -11.24 -0.30
N LYS H 53 -21.69 -11.63 -1.40
CA LYS H 53 -22.41 -12.26 -2.49
C LYS H 53 -23.68 -11.46 -2.81
N ARG H 54 -23.49 -10.28 -3.36
CA ARG H 54 -24.61 -9.43 -3.72
C ARG H 54 -24.23 -8.79 -5.06
N SER H 55 -25.18 -8.70 -5.98
CA SER H 55 -24.92 -8.12 -7.30
C SER H 55 -25.18 -6.62 -7.30
N THR H 56 -25.80 -6.13 -6.24
CA THR H 56 -26.16 -4.73 -6.12
C THR H 56 -25.32 -3.83 -5.23
N ILE H 57 -24.79 -2.76 -5.79
CA ILE H 57 -24.00 -1.80 -5.03
C ILE H 57 -24.95 -0.66 -4.65
N THR H 58 -25.73 -0.83 -3.58
CA THR H 58 -26.69 0.19 -3.16
C THR H 58 -26.11 1.33 -2.32
N SER H 59 -26.98 2.22 -1.84
CA SER H 59 -26.52 3.32 -1.02
C SER H 59 -25.87 2.77 0.22
N ARG H 60 -26.48 1.71 0.75
CA ARG H 60 -26.00 1.05 1.96
C ARG H 60 -24.51 0.77 1.90
N GLU H 61 -24.09 0.17 0.78
CA GLU H 61 -22.68 -0.15 0.60
C GLU H 61 -21.83 1.13 0.60
N ILE H 62 -22.23 2.11 -0.19
CA ILE H 62 -21.49 3.36 -0.24
C ILE H 62 -21.22 3.83 1.19
N GLN H 63 -22.21 3.70 2.06
CA GLN H 63 -22.05 4.11 3.45
C GLN H 63 -20.89 3.35 4.07
N THR H 64 -21.12 2.05 4.28
CA THR H 64 -20.13 1.19 4.87
C THR H 64 -18.76 1.48 4.27
N ALA H 65 -18.71 1.74 2.97
CA ALA H 65 -17.44 2.02 2.33
C ALA H 65 -16.83 3.38 2.68
N VAL H 66 -17.70 4.34 3.00
CA VAL H 66 -17.21 5.66 3.36
C VAL H 66 -16.75 5.55 4.78
N ARG H 67 -17.37 4.63 5.51
CA ARG H 67 -17.02 4.40 6.91
C ARG H 67 -15.68 3.70 7.05
N LEU H 68 -15.32 2.92 6.04
CA LEU H 68 -14.06 2.23 6.07
C LEU H 68 -12.94 3.12 5.60
N LEU H 69 -13.22 3.93 4.57
CA LEU H 69 -12.22 4.82 3.95
C LEU H 69 -11.86 6.16 4.57
N LEU H 70 -12.87 6.87 5.07
CA LEU H 70 -12.63 8.19 5.63
C LEU H 70 -12.31 8.20 7.13
N PRO H 71 -11.46 9.15 7.54
CA PRO H 71 -11.05 9.34 8.92
C PRO H 71 -12.13 9.91 9.84
N GLY H 72 -12.44 9.17 10.90
CA GLY H 72 -13.40 9.58 11.91
C GLY H 72 -14.38 10.71 11.68
N GLU H 73 -14.03 11.93 12.10
CA GLU H 73 -14.95 13.04 11.93
C GLU H 73 -15.33 13.16 10.45
N LEU H 74 -14.33 13.18 9.59
CA LEU H 74 -14.61 13.30 8.17
C LEU H 74 -15.72 12.39 7.71
N ALA H 75 -15.75 11.17 8.23
CA ALA H 75 -16.77 10.19 7.86
C ALA H 75 -18.07 10.47 8.54
N LYS H 76 -18.01 10.98 9.75
CA LYS H 76 -19.22 11.29 10.48
C LYS H 76 -20.06 12.26 9.64
N HIS H 77 -19.42 13.34 9.18
CA HIS H 77 -20.07 14.38 8.37
C HIS H 77 -20.35 13.94 6.93
N ALA H 78 -19.50 13.08 6.37
CA ALA H 78 -19.76 12.62 5.02
C ALA H 78 -20.96 11.65 5.03
N VAL H 79 -21.09 10.87 6.10
CA VAL H 79 -22.19 9.94 6.22
C VAL H 79 -23.49 10.67 6.30
N SER H 80 -23.48 11.83 6.95
CA SER H 80 -24.70 12.61 7.10
C SER H 80 -25.06 13.30 5.78
N GLU H 81 -24.14 14.09 5.25
CA GLU H 81 -24.35 14.74 3.96
C GLU H 81 -25.02 13.75 3.06
N GLY H 82 -24.46 12.56 3.02
CA GLY H 82 -25.00 11.49 2.20
C GLY H 82 -26.41 11.08 2.56
N THR H 83 -26.69 10.80 3.82
CA THR H 83 -28.04 10.45 4.18
C THR H 83 -29.00 11.60 3.92
N LYS H 84 -28.51 12.84 4.01
CA LYS H 84 -29.37 13.99 3.76
C LYS H 84 -29.74 14.02 2.28
N ALA H 85 -28.74 13.91 1.41
CA ALA H 85 -29.00 13.93 -0.01
C ALA H 85 -29.89 12.78 -0.46
N VAL H 86 -29.77 11.61 0.14
CA VAL H 86 -30.64 10.51 -0.28
C VAL H 86 -32.04 10.73 0.26
N THR H 87 -32.17 11.27 1.47
CA THR H 87 -33.49 11.51 2.00
C THR H 87 -34.21 12.55 1.15
N LYS H 88 -33.52 13.64 0.83
CA LYS H 88 -34.12 14.72 0.02
C LYS H 88 -34.55 14.25 -1.37
N TYR H 89 -33.93 13.17 -1.86
CA TYR H 89 -34.24 12.63 -3.16
C TYR H 89 -35.47 11.74 -3.10
N THR H 90 -35.46 10.77 -2.20
CA THR H 90 -36.60 9.86 -2.05
C THR H 90 -37.86 10.68 -1.86
N SER H 91 -37.80 11.58 -0.89
CA SER H 91 -38.94 12.43 -0.60
C SER H 91 -39.00 13.59 -1.60
N ALA H 92 -39.35 13.22 -2.82
CA ALA H 92 -39.49 14.13 -3.94
C ALA H 92 -40.09 13.28 -5.07
N LYS H 93 -40.49 13.92 -6.17
CA LYS H 93 -41.08 13.21 -7.30
C LYS H 93 -40.16 13.17 -8.52
#